data_2PT9
#
_entry.id   2PT9
#
_cell.length_a   196.240
_cell.length_b   134.100
_cell.length_c   48.350
_cell.angle_alpha   90.00
_cell.angle_beta   94.53
_cell.angle_gamma   90.00
#
_symmetry.space_group_name_H-M   'C 1 2 1'
#
loop_
_entity.id
_entity.type
_entity.pdbx_description
1 polymer 'Spermidine synthase'
2 non-polymer "5'-[(S)-(3-AMINOPROPYL)(METHYL)-LAMBDA~4~-SULFANYL]-5'-DEOXYADENOSINE"
3 non-polymer cis-4-methylcyclohexanamine
4 non-polymer 2-(2-{2-[2-(2-METHOXY-ETHOXY)-ETHOXY]-ETHOXY}-ETHOXY)-ETHANOL
5 non-polymer GLYCEROL
6 non-polymer 'SULFATE ION'
7 water water
#
_entity_poly.entity_id   1
_entity_poly.type   'polypeptide(L)'
_entity_poly.pdbx_seq_one_letter_code
;MDKLISNNKLKLSVVLLGGLCSLAYYHLKNKFHLSQFCFSKKWFSEFSIMWPGQAFSLKIKKILYETKSKYQNVLVFEST
TYGKVLVLDGVIQLTEKDEFAYHEMMTHVPMTVSKEPKNVLVVGGGDGGIIRELCKYKSVENIDICEIDETVIEVSKIYF
KNISCGYEDKRVNVFIEDASKFLENVTNTYDVIIVDSSDPIGPAETLFNQNFYEKIYNALKPNGYCVAQCESLWIHVGTI
KNMIGYAKKLFKKVEYANISIPTYPCGCIGILCCSKTDTGLTKPNKKLESKEFADLKYYNYENHSAAFKLPAFLLKEIEN
I
;
_entity_poly.pdbx_strand_id   A,B,C
#
# COMPACT_ATOMS: atom_id res chain seq x y z
N LYS A 41 -14.30 -29.56 -7.48
CA LYS A 41 -14.61 -28.10 -7.69
C LYS A 41 -15.98 -27.72 -7.10
N LYS A 42 -16.16 -26.46 -6.71
CA LYS A 42 -17.42 -26.01 -6.10
C LYS A 42 -18.33 -25.46 -7.21
N TRP A 43 -19.56 -25.07 -6.86
CA TRP A 43 -20.54 -24.60 -7.83
C TRP A 43 -21.05 -23.26 -7.39
N PHE A 44 -21.19 -22.34 -8.34
CA PHE A 44 -21.91 -21.13 -8.03
C PHE A 44 -23.41 -21.36 -8.31
N SER A 45 -24.28 -20.96 -7.38
CA SER A 45 -25.71 -21.13 -7.58
C SER A 45 -26.45 -19.81 -7.46
N GLU A 46 -27.35 -19.57 -8.41
CA GLU A 46 -28.03 -18.29 -8.55
C GLU A 46 -29.48 -18.32 -8.00
N PHE A 47 -29.63 -18.07 -6.72
CA PHE A 47 -30.95 -18.01 -6.08
C PHE A 47 -31.38 -16.57 -6.03
N SER A 48 -32.68 -16.34 -6.01
CA SER A 48 -33.24 -15.00 -5.85
C SER A 48 -34.72 -15.12 -5.59
N ILE A 49 -35.24 -14.14 -4.86
CA ILE A 49 -36.68 -14.00 -4.65
C ILE A 49 -37.37 -13.50 -5.94
N MET A 50 -36.58 -13.10 -6.92
CA MET A 50 -37.12 -12.59 -8.17
C MET A 50 -37.46 -13.75 -9.11
N TRP A 51 -36.87 -14.91 -8.82
CA TRP A 51 -37.25 -16.16 -9.46
C TRP A 51 -37.32 -17.31 -8.44
N PRO A 52 -38.38 -17.30 -7.58
CA PRO A 52 -38.45 -18.23 -6.46
C PRO A 52 -38.65 -19.67 -6.94
N GLY A 53 -38.03 -20.61 -6.25
CA GLY A 53 -38.24 -22.02 -6.51
C GLY A 53 -37.42 -22.57 -7.64
N GLN A 54 -36.57 -21.75 -8.25
CA GLN A 54 -35.64 -22.23 -9.28
C GLN A 54 -34.24 -21.67 -9.06
N ALA A 55 -33.23 -22.37 -9.60
CA ALA A 55 -31.85 -21.88 -9.58
C ALA A 55 -31.01 -22.46 -10.71
N PHE A 56 -30.05 -21.67 -11.18
CA PHE A 56 -29.15 -22.08 -12.25
C PHE A 56 -27.76 -22.10 -11.62
N SER A 57 -26.95 -23.10 -11.95
CA SER A 57 -25.65 -23.26 -11.33
C SER A 57 -24.55 -23.49 -12.34
N LEU A 58 -23.38 -22.97 -12.03
CA LEU A 58 -22.22 -23.15 -12.87
C LEU A 58 -21.12 -23.68 -12.00
N LYS A 59 -20.32 -24.59 -12.57
CA LYS A 59 -19.12 -25.11 -11.92
C LYS A 59 -17.95 -24.11 -12.00
N ILE A 60 -17.28 -23.94 -10.86
CA ILE A 60 -16.21 -22.97 -10.68
C ILE A 60 -14.86 -23.63 -10.93
N LYS A 61 -14.11 -23.13 -11.90
CA LYS A 61 -12.70 -23.51 -12.11
C LYS A 61 -11.81 -22.80 -11.09
N LYS A 62 -11.87 -21.46 -11.06
CA LYS A 62 -11.25 -20.71 -9.98
C LYS A 62 -11.92 -19.36 -9.77
N ILE A 63 -11.99 -18.92 -8.52
CA ILE A 63 -12.51 -17.60 -8.20
C ILE A 63 -11.43 -16.58 -8.53
N LEU A 64 -11.78 -15.50 -9.24
CA LEU A 64 -10.81 -14.51 -9.71
C LEU A 64 -10.77 -13.22 -8.89
N TYR A 65 -11.91 -12.76 -8.41
CA TYR A 65 -12.00 -11.50 -7.70
C TYR A 65 -13.33 -11.43 -6.98
N GLU A 66 -13.30 -10.90 -5.77
CA GLU A 66 -14.51 -10.72 -4.99
C GLU A 66 -14.37 -9.45 -4.18
N THR A 67 -15.48 -8.72 -4.02
CA THR A 67 -15.45 -7.47 -3.28
C THR A 67 -16.85 -6.96 -2.93
N LYS A 68 -16.92 -6.08 -1.94
CA LYS A 68 -18.13 -5.33 -1.62
C LYS A 68 -17.80 -3.90 -2.07
N SER A 69 -18.41 -3.47 -3.17
CA SER A 69 -18.23 -2.09 -3.62
C SER A 69 -19.26 -1.21 -2.88
N LYS A 70 -19.30 0.08 -3.21
CA LYS A 70 -20.19 1.03 -2.55
C LYS A 70 -21.67 0.66 -2.74
N TYR A 71 -21.97 -0.05 -3.83
CA TYR A 71 -23.35 -0.35 -4.21
C TYR A 71 -23.72 -1.84 -4.19
N GLN A 72 -22.74 -2.71 -4.40
CA GLN A 72 -23.03 -4.14 -4.59
C GLN A 72 -21.88 -5.10 -4.32
N ASN A 73 -22.23 -6.37 -4.12
CA ASN A 73 -21.25 -7.45 -4.05
C ASN A 73 -20.82 -7.81 -5.45
N VAL A 74 -19.50 -7.90 -5.65
CA VAL A 74 -18.98 -8.19 -6.97
C VAL A 74 -18.22 -9.49 -6.91
N LEU A 75 -18.50 -10.39 -7.85
CA LEU A 75 -17.80 -11.65 -7.93
C LEU A 75 -17.45 -11.96 -9.38
N VAL A 76 -16.19 -12.31 -9.63
CA VAL A 76 -15.73 -12.76 -10.94
C VAL A 76 -15.13 -14.16 -10.72
N PHE A 77 -15.58 -15.16 -11.49
CA PHE A 77 -14.94 -16.45 -11.47
C PHE A 77 -14.77 -17.01 -12.85
N GLU A 78 -13.84 -17.93 -12.99
CA GLU A 78 -13.74 -18.68 -14.23
C GLU A 78 -14.59 -19.93 -14.02
N SER A 79 -15.55 -20.16 -14.91
CA SER A 79 -16.33 -21.39 -14.86
C SER A 79 -15.62 -22.44 -15.71
N THR A 80 -15.99 -23.71 -15.54
CA THR A 80 -15.40 -24.79 -16.32
C THR A 80 -15.87 -24.78 -17.79
N THR A 81 -17.11 -24.33 -18.06
CA THR A 81 -17.63 -24.38 -19.44
C THR A 81 -18.20 -23.08 -20.05
N TYR A 82 -18.41 -22.04 -19.25
CA TYR A 82 -18.98 -20.79 -19.77
C TYR A 82 -17.98 -19.63 -19.83
N GLY A 83 -16.69 -19.93 -19.64
CA GLY A 83 -15.65 -18.93 -19.54
C GLY A 83 -15.79 -18.14 -18.26
N LYS A 84 -15.34 -16.89 -18.26
CA LYS A 84 -15.37 -16.04 -17.04
C LYS A 84 -16.76 -15.50 -16.81
N VAL A 85 -17.10 -15.19 -15.57
CA VAL A 85 -18.49 -14.89 -15.18
C VAL A 85 -18.53 -13.71 -14.23
N LEU A 86 -19.33 -12.72 -14.56
CA LEU A 86 -19.48 -11.61 -13.68
C LEU A 86 -20.78 -11.77 -12.93
N VAL A 87 -20.70 -11.76 -11.62
CA VAL A 87 -21.87 -11.88 -10.74
C VAL A 87 -21.95 -10.64 -9.89
N LEU A 88 -23.12 -10.03 -9.81
CA LEU A 88 -23.27 -8.80 -9.07
C LEU A 88 -24.43 -9.00 -8.14
N ASP A 89 -24.20 -8.88 -6.84
CA ASP A 89 -25.22 -9.13 -5.82
C ASP A 89 -25.80 -10.52 -5.97
N GLY A 90 -24.96 -11.50 -6.34
CA GLY A 90 -25.40 -12.89 -6.49
C GLY A 90 -26.18 -13.28 -7.75
N VAL A 91 -26.28 -12.38 -8.72
CA VAL A 91 -27.06 -12.61 -9.93
C VAL A 91 -26.12 -12.57 -11.12
N ILE A 92 -26.13 -13.58 -11.99
CA ILE A 92 -25.23 -13.63 -13.14
C ILE A 92 -25.56 -12.48 -14.09
N GLN A 93 -24.55 -11.65 -14.37
CA GLN A 93 -24.73 -10.44 -15.18
C GLN A 93 -24.21 -10.70 -16.56
N LEU A 94 -23.16 -11.50 -16.65
CA LEU A 94 -22.70 -11.94 -17.94
C LEU A 94 -21.71 -13.06 -17.83
N THR A 95 -21.60 -13.84 -18.90
CA THR A 95 -20.54 -14.82 -19.04
C THR A 95 -19.99 -14.66 -20.43
N GLU A 96 -18.72 -15.02 -20.59
CA GLU A 96 -18.07 -14.95 -21.89
C GLU A 96 -18.76 -15.77 -22.98
N LYS A 97 -19.35 -16.90 -22.63
CA LYS A 97 -19.90 -17.83 -23.61
C LYS A 97 -21.12 -17.27 -24.37
N ASP A 98 -22.00 -16.56 -23.68
CA ASP A 98 -23.23 -16.13 -24.31
C ASP A 98 -23.50 -14.61 -24.31
N GLU A 99 -22.57 -13.80 -23.79
CA GLU A 99 -22.81 -12.35 -23.66
C GLU A 99 -23.17 -11.64 -24.97
N PHE A 100 -22.62 -12.12 -26.07
CA PHE A 100 -22.83 -11.53 -27.38
C PHE A 100 -24.29 -11.55 -27.83
N ALA A 101 -25.06 -12.51 -27.33
CA ALA A 101 -26.47 -12.62 -27.68
C ALA A 101 -27.24 -11.38 -27.22
N TYR A 102 -27.03 -11.01 -25.95
CA TYR A 102 -27.67 -9.86 -25.34
C TYR A 102 -27.10 -8.51 -25.86
N HIS A 103 -25.80 -8.41 -25.98
CA HIS A 103 -25.19 -7.14 -26.39
C HIS A 103 -25.49 -6.75 -27.86
N GLU A 104 -25.43 -7.73 -28.75
CA GLU A 104 -25.77 -7.57 -30.16
C GLU A 104 -27.23 -7.24 -30.37
N MET A 105 -28.12 -7.96 -29.72
CA MET A 105 -29.55 -7.69 -29.90
C MET A 105 -29.98 -6.36 -29.27
N MET A 106 -29.49 -6.07 -28.07
CA MET A 106 -29.71 -4.76 -27.42
C MET A 106 -29.20 -3.56 -28.22
N THR A 107 -28.05 -3.72 -28.88
CA THR A 107 -27.44 -2.62 -29.62
C THR A 107 -27.94 -2.56 -31.06
N HIS A 108 -27.78 -3.66 -31.81
CA HIS A 108 -28.06 -3.64 -33.25
C HIS A 108 -29.51 -3.57 -33.65
N VAL A 109 -30.42 -3.94 -32.75
CA VAL A 109 -31.82 -3.67 -33.01
C VAL A 109 -31.99 -2.17 -33.24
N PRO A 110 -31.87 -1.32 -32.17
CA PRO A 110 -32.12 0.12 -32.34
C PRO A 110 -31.16 0.81 -33.33
N MET A 111 -29.91 0.35 -33.38
CA MET A 111 -28.93 0.99 -34.23
C MET A 111 -29.14 0.70 -35.71
N THR A 112 -29.93 -0.31 -36.03
CA THR A 112 -30.25 -0.56 -37.44
C THR A 112 -31.54 0.16 -37.82
N VAL A 113 -32.33 0.54 -36.84
CA VAL A 113 -33.54 1.32 -37.12
C VAL A 113 -33.21 2.81 -37.22
N SER A 114 -32.39 3.33 -36.31
CA SER A 114 -31.98 4.73 -36.35
C SER A 114 -31.22 4.98 -37.65
N LYS A 115 -31.60 6.02 -38.37
CA LYS A 115 -31.05 6.23 -39.70
C LYS A 115 -29.56 6.64 -39.70
N GLU A 116 -29.25 7.73 -39.00
CA GLU A 116 -27.87 8.21 -38.90
C GLU A 116 -27.59 8.64 -37.48
N PRO A 117 -27.48 7.68 -36.52
CA PRO A 117 -27.37 8.04 -35.09
C PRO A 117 -26.00 8.63 -34.77
N LYS A 118 -25.98 9.74 -34.03
CA LYS A 118 -24.73 10.47 -33.80
C LYS A 118 -24.31 10.43 -32.34
N ASN A 119 -25.32 10.48 -31.48
CA ASN A 119 -25.16 10.62 -30.06
C ASN A 119 -25.98 9.52 -29.39
N VAL A 120 -25.29 8.59 -28.74
CA VAL A 120 -25.91 7.42 -28.11
C VAL A 120 -25.63 7.41 -26.59
N LEU A 121 -26.62 7.06 -25.78
CA LEU A 121 -26.42 6.93 -24.33
C LEU A 121 -26.63 5.49 -23.89
N VAL A 122 -25.70 4.98 -23.09
CA VAL A 122 -25.89 3.70 -22.44
C VAL A 122 -26.08 3.96 -20.96
N VAL A 123 -27.13 3.41 -20.40
CA VAL A 123 -27.41 3.51 -18.99
C VAL A 123 -27.06 2.18 -18.35
N GLY A 124 -26.25 2.19 -17.28
CA GLY A 124 -25.69 0.97 -16.75
C GLY A 124 -24.63 0.49 -17.73
N GLY A 125 -24.57 -0.81 -17.96
CA GLY A 125 -23.64 -1.39 -18.94
C GLY A 125 -22.17 -1.15 -18.64
N GLY A 126 -21.78 -1.26 -17.35
CA GLY A 126 -20.43 -1.02 -16.89
C GLY A 126 -19.36 -1.89 -17.56
N ASP A 127 -19.72 -3.13 -17.87
CA ASP A 127 -18.83 -4.13 -18.52
C ASP A 127 -18.30 -3.76 -19.90
N GLY A 128 -19.05 -2.90 -20.61
CA GLY A 128 -18.63 -2.36 -21.90
C GLY A 128 -19.12 -3.10 -23.14
N GLY A 129 -19.94 -4.12 -22.95
CA GLY A 129 -20.42 -4.93 -24.09
C GLY A 129 -21.20 -4.13 -25.11
N ILE A 130 -22.13 -3.30 -24.64
CA ILE A 130 -22.89 -2.44 -25.53
C ILE A 130 -21.96 -1.48 -26.30
N ILE A 131 -21.07 -0.80 -25.55
CA ILE A 131 -20.13 0.16 -26.08
C ILE A 131 -19.34 -0.51 -27.19
N ARG A 132 -18.86 -1.74 -26.96
CA ARG A 132 -18.09 -2.48 -27.98
C ARG A 132 -18.85 -2.58 -29.30
N GLU A 133 -20.15 -2.87 -29.22
CA GLU A 133 -20.98 -3.04 -30.40
C GLU A 133 -21.28 -1.70 -31.09
N LEU A 134 -21.46 -0.63 -30.28
CA LEU A 134 -21.65 0.74 -30.75
C LEU A 134 -20.46 1.32 -31.52
N CYS A 135 -19.25 0.98 -31.10
CA CYS A 135 -18.02 1.43 -31.77
C CYS A 135 -17.84 0.90 -33.20
N LYS A 136 -18.64 -0.10 -33.56
CA LYS A 136 -18.58 -0.69 -34.89
C LYS A 136 -19.23 0.25 -35.91
N TYR A 137 -20.09 1.14 -35.42
CA TYR A 137 -20.76 2.13 -36.23
C TYR A 137 -19.91 3.39 -36.41
N LYS A 138 -19.33 3.48 -37.61
CA LYS A 138 -18.51 4.63 -38.01
C LYS A 138 -19.30 5.97 -37.99
N SER A 139 -20.62 5.94 -38.14
CA SER A 139 -21.43 7.19 -38.07
C SER A 139 -21.60 7.78 -36.67
N VAL A 140 -21.44 6.95 -35.64
CA VAL A 140 -21.56 7.42 -34.25
C VAL A 140 -20.41 8.37 -33.95
N GLU A 141 -20.75 9.51 -33.36
CA GLU A 141 -19.76 10.53 -33.01
C GLU A 141 -19.43 10.60 -31.51
N ASN A 142 -20.43 10.33 -30.67
CA ASN A 142 -20.28 10.35 -29.22
C ASN A 142 -20.99 9.14 -28.60
N ILE A 143 -20.50 8.66 -27.46
CA ILE A 143 -21.17 7.59 -26.73
C ILE A 143 -20.98 7.96 -25.28
N ASP A 144 -22.07 8.37 -24.62
CA ASP A 144 -21.99 8.62 -23.19
C ASP A 144 -22.43 7.35 -22.48
N ILE A 145 -21.70 6.96 -21.44
CA ILE A 145 -22.14 5.84 -20.61
C ILE A 145 -22.33 6.35 -19.19
N CYS A 146 -23.46 6.04 -18.60
CA CYS A 146 -23.73 6.45 -17.24
C CYS A 146 -23.92 5.20 -16.38
N GLU A 147 -22.91 4.91 -15.56
CA GLU A 147 -22.82 3.68 -14.79
C GLU A 147 -22.57 4.10 -13.33
N ILE A 148 -23.39 3.63 -12.40
CA ILE A 148 -23.34 4.08 -11.00
C ILE A 148 -22.07 3.65 -10.23
N ASP A 149 -21.50 2.51 -10.67
CA ASP A 149 -20.50 1.76 -9.93
C ASP A 149 -19.19 1.56 -10.73
N GLU A 150 -18.15 2.33 -10.41
CA GLU A 150 -16.93 2.27 -11.19
C GLU A 150 -16.16 0.99 -10.99
N THR A 151 -16.39 0.31 -9.85
CA THR A 151 -15.80 -1.00 -9.63
C THR A 151 -16.13 -1.97 -10.77
N VAL A 152 -17.36 -1.90 -11.27
CA VAL A 152 -17.81 -2.73 -12.38
C VAL A 152 -16.95 -2.46 -13.62
N ILE A 153 -16.81 -1.18 -13.98
CA ILE A 153 -15.96 -0.77 -15.11
C ILE A 153 -14.52 -1.29 -14.97
N GLU A 154 -13.90 -1.04 -13.82
CA GLU A 154 -12.51 -1.42 -13.61
C GLU A 154 -12.31 -2.92 -13.60
N VAL A 155 -13.19 -3.64 -12.92
CA VAL A 155 -13.17 -5.11 -12.92
C VAL A 155 -13.28 -5.63 -14.36
N SER A 156 -14.17 -5.02 -15.15
CA SER A 156 -14.33 -5.43 -16.53
C SER A 156 -13.12 -5.13 -17.40
N LYS A 157 -12.44 -4.01 -17.13
CA LYS A 157 -11.22 -3.66 -17.88
C LYS A 157 -10.06 -4.62 -17.59
N ILE A 158 -10.06 -5.16 -16.38
CA ILE A 158 -9.04 -6.09 -15.93
C ILE A 158 -9.34 -7.52 -16.37
N TYR A 159 -10.55 -8.01 -16.09
CA TYR A 159 -10.85 -9.45 -16.29
C TYR A 159 -11.58 -9.83 -17.56
N PHE A 160 -12.21 -8.86 -18.21
CA PHE A 160 -13.05 -9.12 -19.39
C PHE A 160 -12.59 -8.24 -20.54
N LYS A 161 -11.36 -8.47 -21.00
CA LYS A 161 -10.71 -7.53 -21.91
C LYS A 161 -11.29 -7.60 -23.33
N ASN A 162 -11.97 -8.70 -23.64
CA ASN A 162 -12.71 -8.82 -24.90
C ASN A 162 -14.09 -8.17 -24.85
N ILE A 163 -14.56 -7.83 -23.66
CA ILE A 163 -15.88 -7.19 -23.54
C ILE A 163 -15.68 -5.69 -23.41
N SER A 164 -14.66 -5.28 -22.66
CA SER A 164 -14.47 -3.90 -22.23
C SER A 164 -13.56 -3.09 -23.15
N CYS A 165 -13.26 -3.66 -24.30
CA CYS A 165 -12.29 -3.07 -25.23
C CYS A 165 -12.80 -1.78 -25.89
N GLY A 166 -14.11 -1.61 -25.94
CA GLY A 166 -14.71 -0.38 -26.42
C GLY A 166 -14.32 0.88 -25.66
N TYR A 167 -13.82 0.73 -24.43
CA TYR A 167 -13.40 1.88 -23.62
C TYR A 167 -12.14 2.59 -24.14
N GLU A 168 -11.38 1.90 -24.99
CA GLU A 168 -10.25 2.49 -25.71
C GLU A 168 -10.70 3.62 -26.63
N ASP A 169 -11.93 3.50 -27.12
CA ASP A 169 -12.43 4.37 -28.18
C ASP A 169 -12.60 5.82 -27.73
N LYS A 170 -12.02 6.73 -28.53
CA LYS A 170 -12.00 8.15 -28.21
C LYS A 170 -13.37 8.81 -28.11
N ARG A 171 -14.40 8.21 -28.71
CA ARG A 171 -15.76 8.76 -28.69
C ARG A 171 -16.49 8.51 -27.38
N VAL A 172 -15.95 7.62 -26.55
CA VAL A 172 -16.65 7.18 -25.34
C VAL A 172 -16.40 8.17 -24.22
N ASN A 173 -17.47 8.60 -23.55
CA ASN A 173 -17.35 9.41 -22.34
C ASN A 173 -18.05 8.76 -21.16
N VAL A 174 -17.31 8.51 -20.07
CA VAL A 174 -17.83 7.78 -18.90
C VAL A 174 -18.26 8.74 -17.78
N PHE A 175 -19.49 8.59 -17.30
CA PHE A 175 -20.00 9.36 -16.17
C PHE A 175 -20.34 8.36 -15.10
N ILE A 176 -19.78 8.56 -13.91
CA ILE A 176 -20.03 7.70 -12.77
C ILE A 176 -21.13 8.36 -11.93
N GLU A 177 -22.34 7.82 -12.00
CA GLU A 177 -23.49 8.52 -11.46
C GLU A 177 -24.71 7.64 -11.55
N ASP A 178 -25.69 7.90 -10.70
CA ASP A 178 -26.98 7.25 -10.83
C ASP A 178 -27.66 7.79 -12.09
N ALA A 179 -27.93 6.92 -13.07
CA ALA A 179 -28.59 7.36 -14.32
C ALA A 179 -29.83 8.19 -14.02
N SER A 180 -30.57 7.83 -12.98
CA SER A 180 -31.72 8.60 -12.52
C SER A 180 -31.41 10.09 -12.29
N LYS A 181 -30.28 10.38 -11.63
CA LYS A 181 -29.75 11.75 -11.53
C LYS A 181 -29.22 12.28 -12.88
N PHE A 182 -28.35 11.52 -13.55
CA PHE A 182 -27.83 11.87 -14.85
C PHE A 182 -28.89 12.34 -15.87
N LEU A 183 -29.96 11.57 -16.07
CA LEU A 183 -31.04 11.94 -17.01
C LEU A 183 -31.86 13.18 -16.62
N GLU A 184 -31.88 13.53 -15.34
CA GLU A 184 -32.53 14.77 -14.91
C GLU A 184 -31.67 15.99 -15.27
N ASN A 185 -30.34 15.77 -15.38
CA ASN A 185 -29.34 16.85 -15.56
C ASN A 185 -28.74 17.04 -16.95
N VAL A 186 -28.79 16.00 -17.79
CA VAL A 186 -28.13 16.06 -19.09
C VAL A 186 -28.70 17.21 -19.93
N THR A 187 -27.82 17.85 -20.72
CA THR A 187 -28.16 19.02 -21.56
C THR A 187 -28.40 18.56 -22.98
N ASN A 188 -27.60 17.59 -23.42
CA ASN A 188 -27.76 16.89 -24.67
C ASN A 188 -29.01 16.04 -24.72
N THR A 189 -29.58 15.89 -25.91
CA THR A 189 -30.53 14.83 -26.21
C THR A 189 -29.84 13.73 -27.11
N TYR A 190 -30.42 12.54 -27.14
CA TYR A 190 -29.75 11.36 -27.71
C TYR A 190 -30.59 10.73 -28.81
N ASP A 191 -29.90 10.16 -29.79
CA ASP A 191 -30.54 9.45 -30.89
C ASP A 191 -31.08 8.10 -30.40
N VAL A 192 -30.24 7.37 -29.67
CA VAL A 192 -30.64 6.12 -29.04
C VAL A 192 -30.27 6.18 -27.57
N ILE A 193 -31.11 5.60 -26.73
CA ILE A 193 -30.73 5.33 -25.34
C ILE A 193 -30.91 3.84 -25.10
N ILE A 194 -29.84 3.17 -24.66
CA ILE A 194 -29.87 1.76 -24.38
C ILE A 194 -29.75 1.59 -22.86
N VAL A 195 -30.79 1.04 -22.25
CA VAL A 195 -30.83 0.83 -20.80
C VAL A 195 -30.45 -0.62 -20.46
N ASP A 196 -29.20 -0.80 -20.07
CA ASP A 196 -28.62 -2.11 -19.87
C ASP A 196 -28.35 -2.26 -18.39
N SER A 197 -29.43 -2.18 -17.60
CA SER A 197 -29.38 -2.26 -16.15
C SER A 197 -29.40 -3.71 -15.62
N SER A 198 -29.03 -3.85 -14.34
CA SER A 198 -29.27 -5.06 -13.56
C SER A 198 -30.76 -5.12 -13.07
N ASP A 199 -31.07 -6.02 -12.15
CA ASP A 199 -32.44 -6.23 -11.69
C ASP A 199 -32.95 -5.11 -10.77
N PRO A 200 -34.29 -4.98 -10.62
CA PRO A 200 -34.93 -3.98 -9.76
C PRO A 200 -34.54 -3.99 -8.28
N ILE A 201 -33.79 -5.00 -7.83
CA ILE A 201 -33.36 -5.04 -6.44
C ILE A 201 -31.91 -4.62 -6.37
N GLY A 202 -31.68 -3.52 -5.67
CA GLY A 202 -30.35 -2.94 -5.56
C GLY A 202 -30.33 -1.56 -6.18
N PRO A 203 -29.21 -1.23 -6.87
CA PRO A 203 -28.99 0.11 -7.44
C PRO A 203 -29.92 0.46 -8.62
N ALA A 204 -30.43 -0.55 -9.33
CA ALA A 204 -31.27 -0.37 -10.52
C ALA A 204 -32.73 -0.14 -10.17
N GLU A 205 -32.99 -0.09 -8.87
CA GLU A 205 -34.31 0.12 -8.31
C GLU A 205 -34.91 1.46 -8.77
N THR A 206 -34.07 2.47 -8.91
CA THR A 206 -34.47 3.81 -9.35
C THR A 206 -34.84 3.90 -10.84
N LEU A 207 -34.60 2.83 -11.60
CA LEU A 207 -34.85 2.82 -13.05
C LEU A 207 -36.16 2.11 -13.45
N PHE A 208 -36.83 1.49 -12.48
CA PHE A 208 -38.01 0.69 -12.81
C PHE A 208 -39.26 1.43 -12.37
N ASN A 209 -39.47 2.65 -12.89
CA ASN A 209 -40.67 3.44 -12.57
C ASN A 209 -41.09 4.38 -13.69
N GLN A 210 -42.26 5.00 -13.54
CA GLN A 210 -42.82 5.93 -14.53
C GLN A 210 -41.94 7.17 -14.69
N ASN A 211 -41.44 7.69 -13.57
CA ASN A 211 -40.65 8.89 -13.60
C ASN A 211 -39.40 8.71 -14.44
N PHE A 212 -38.74 7.56 -14.32
CA PHE A 212 -37.58 7.27 -15.13
C PHE A 212 -37.86 7.29 -16.61
N TYR A 213 -38.99 6.73 -17.03
CA TYR A 213 -39.35 6.72 -18.46
C TYR A 213 -39.65 8.09 -19.05
N GLU A 214 -40.17 9.01 -18.24
CA GLU A 214 -40.25 10.43 -18.59
C GLU A 214 -38.88 11.08 -18.86
N LYS A 215 -37.91 10.81 -18.00
CA LYS A 215 -36.55 11.29 -18.21
C LYS A 215 -35.92 10.74 -19.49
N ILE A 216 -36.16 9.47 -19.79
CA ILE A 216 -35.73 8.87 -21.05
C ILE A 216 -36.43 9.60 -22.21
N TYR A 217 -37.71 9.93 -22.01
CA TYR A 217 -38.48 10.62 -23.04
C TYR A 217 -37.87 12.00 -23.35
N ASN A 218 -37.61 12.76 -22.29
CA ASN A 218 -37.08 14.09 -22.46
C ASN A 218 -35.63 14.14 -22.93
N ALA A 219 -34.88 13.07 -22.69
CA ALA A 219 -33.46 13.00 -23.12
C ALA A 219 -33.31 12.47 -24.54
N LEU A 220 -34.42 12.11 -25.19
CA LEU A 220 -34.33 11.60 -26.56
C LEU A 220 -34.67 12.69 -27.54
N LYS A 221 -34.00 12.69 -28.70
CA LYS A 221 -34.35 13.56 -29.83
C LYS A 221 -35.88 13.43 -30.13
N PRO A 222 -36.47 14.36 -30.93
CA PRO A 222 -37.89 14.22 -31.33
C PRO A 222 -38.25 12.86 -31.98
N ASN A 223 -37.31 12.25 -32.72
CA ASN A 223 -37.56 10.95 -33.33
C ASN A 223 -36.67 9.81 -32.82
N GLY A 224 -36.27 9.88 -31.55
CA GLY A 224 -35.32 8.92 -30.97
C GLY A 224 -35.92 7.62 -30.44
N TYR A 225 -35.03 6.68 -30.11
CA TYR A 225 -35.40 5.34 -29.66
C TYR A 225 -34.82 5.00 -28.28
N CYS A 226 -35.58 4.26 -27.49
CA CYS A 226 -35.05 3.64 -26.28
C CYS A 226 -35.24 2.13 -26.33
N VAL A 227 -34.21 1.38 -25.94
CA VAL A 227 -34.40 -0.03 -25.66
C VAL A 227 -34.00 -0.28 -24.22
N ALA A 228 -34.83 -0.99 -23.46
CA ALA A 228 -34.51 -1.28 -22.07
C ALA A 228 -34.58 -2.77 -21.78
N GLN A 229 -33.64 -3.25 -20.97
CA GLN A 229 -33.67 -4.61 -20.44
C GLN A 229 -34.98 -4.80 -19.68
N CYS A 230 -35.72 -5.87 -20.03
CA CYS A 230 -37.07 -6.03 -19.49
C CYS A 230 -37.47 -7.46 -19.09
N GLU A 231 -36.61 -8.14 -18.34
CA GLU A 231 -36.98 -9.39 -17.65
C GLU A 231 -37.55 -10.50 -18.56
N SER A 232 -37.92 -11.60 -17.94
CA SER A 232 -38.28 -12.81 -18.70
C SER A 232 -39.77 -13.07 -18.72
N LEU A 233 -40.31 -13.24 -19.93
CA LEU A 233 -41.72 -13.57 -20.16
C LEU A 233 -42.22 -14.80 -19.39
N TRP A 234 -41.31 -15.69 -19.01
CA TRP A 234 -41.70 -16.92 -18.32
C TRP A 234 -42.12 -16.69 -16.88
N ILE A 235 -41.55 -15.67 -16.24
CA ILE A 235 -41.75 -15.44 -14.80
C ILE A 235 -42.15 -14.03 -14.42
N HIS A 236 -41.93 -13.04 -15.29
CA HIS A 236 -42.10 -11.64 -14.92
C HIS A 236 -43.17 -10.89 -15.71
N VAL A 237 -44.33 -11.51 -15.92
CA VAL A 237 -45.37 -10.87 -16.75
C VAL A 237 -45.99 -9.65 -16.05
N GLY A 238 -46.22 -9.75 -14.75
CA GLY A 238 -46.59 -8.59 -13.94
C GLY A 238 -45.73 -7.36 -14.24
N THR A 239 -44.40 -7.55 -14.19
CA THR A 239 -43.43 -6.47 -14.43
C THR A 239 -43.47 -5.95 -15.88
N ILE A 240 -43.44 -6.88 -16.85
CA ILE A 240 -43.59 -6.52 -18.26
C ILE A 240 -44.85 -5.67 -18.49
N LYS A 241 -45.94 -6.02 -17.81
CA LYS A 241 -47.19 -5.27 -17.92
C LYS A 241 -47.06 -3.84 -17.39
N ASN A 242 -46.40 -3.69 -16.25
CA ASN A 242 -46.07 -2.38 -15.70
C ASN A 242 -45.19 -1.53 -16.60
N MET A 243 -44.01 -2.05 -16.96
CA MET A 243 -43.07 -1.37 -17.84
C MET A 243 -43.72 -0.90 -19.13
N ILE A 244 -44.65 -1.69 -19.66
CA ILE A 244 -45.36 -1.35 -20.90
C ILE A 244 -46.41 -0.26 -20.66
N GLY A 245 -47.06 -0.27 -19.52
CA GLY A 245 -48.00 0.80 -19.17
C GLY A 245 -47.30 2.14 -19.01
N TYR A 246 -46.14 2.13 -18.37
CA TYR A 246 -45.29 3.31 -18.20
C TYR A 246 -44.86 3.90 -19.54
N ALA A 247 -44.38 3.03 -20.42
CA ALA A 247 -43.86 3.45 -21.71
C ALA A 247 -44.95 3.98 -22.65
N LYS A 248 -46.08 3.27 -22.72
CA LYS A 248 -47.23 3.62 -23.57
C LYS A 248 -47.86 4.95 -23.16
N LYS A 249 -47.69 5.32 -21.89
CA LYS A 249 -48.16 6.62 -21.38
C LYS A 249 -47.44 7.80 -22.06
N LEU A 250 -46.35 7.49 -22.79
CA LEU A 250 -45.43 8.50 -23.31
C LEU A 250 -45.04 8.30 -24.77
N PHE A 251 -44.68 7.08 -25.13
CA PHE A 251 -44.17 6.77 -26.47
C PHE A 251 -45.27 6.32 -27.47
N LYS A 252 -45.12 6.74 -28.72
CA LYS A 252 -46.01 6.36 -29.85
C LYS A 252 -46.05 4.84 -30.12
N LYS A 253 -44.94 4.16 -29.86
CA LYS A 253 -44.84 2.74 -30.14
C LYS A 253 -44.00 2.04 -29.10
N VAL A 254 -44.65 1.25 -28.27
CA VAL A 254 -43.94 0.36 -27.36
C VAL A 254 -44.03 -1.09 -27.87
N GLU A 255 -42.89 -1.78 -27.93
CA GLU A 255 -42.84 -3.12 -28.49
C GLU A 255 -41.91 -3.94 -27.63
N TYR A 256 -42.14 -5.24 -27.60
CA TYR A 256 -41.37 -6.11 -26.76
C TYR A 256 -40.74 -7.19 -27.62
N ALA A 257 -39.43 -7.41 -27.48
CA ALA A 257 -38.74 -8.51 -28.15
C ALA A 257 -38.12 -9.42 -27.11
N ASN A 258 -37.56 -10.53 -27.55
CA ASN A 258 -37.06 -11.56 -26.65
C ASN A 258 -35.79 -12.21 -27.19
N ILE A 259 -34.84 -12.41 -26.29
CA ILE A 259 -33.52 -12.93 -26.64
C ILE A 259 -33.30 -14.25 -25.90
N SER A 260 -32.81 -15.24 -26.64
CA SER A 260 -32.35 -16.49 -26.05
C SER A 260 -30.94 -16.28 -25.50
N ILE A 261 -30.81 -16.39 -24.18
CA ILE A 261 -29.54 -16.35 -23.47
C ILE A 261 -29.61 -17.30 -22.25
N PRO A 262 -28.87 -18.41 -22.31
CA PRO A 262 -28.91 -19.52 -21.35
C PRO A 262 -28.52 -19.19 -19.93
N THR A 263 -27.73 -18.13 -19.69
CA THR A 263 -27.28 -17.87 -18.32
C THR A 263 -28.13 -16.83 -17.59
N TYR A 264 -29.23 -16.44 -18.21
CA TYR A 264 -30.18 -15.62 -17.50
C TYR A 264 -31.38 -16.50 -17.11
N PRO A 265 -32.07 -16.15 -16.01
CA PRO A 265 -33.17 -16.97 -15.50
C PRO A 265 -34.18 -17.28 -16.60
N CYS A 266 -34.61 -18.53 -16.69
CA CYS A 266 -35.50 -19.02 -17.74
C CYS A 266 -34.90 -19.07 -19.16
N GLY A 267 -33.64 -18.65 -19.31
CA GLY A 267 -32.90 -18.87 -20.56
C GLY A 267 -33.24 -17.82 -21.60
N CYS A 268 -33.94 -16.77 -21.16
CA CYS A 268 -34.28 -15.69 -22.05
C CYS A 268 -34.48 -14.33 -21.32
N ILE A 269 -34.38 -13.25 -22.09
CA ILE A 269 -34.51 -11.90 -21.58
C ILE A 269 -35.22 -10.99 -22.60
N GLY A 270 -36.18 -10.20 -22.13
CA GLY A 270 -36.94 -9.33 -22.99
C GLY A 270 -36.28 -7.99 -23.15
N ILE A 271 -36.60 -7.32 -24.26
CA ILE A 271 -36.17 -5.94 -24.51
C ILE A 271 -37.43 -5.11 -24.68
N LEU A 272 -37.61 -4.12 -23.81
CA LEU A 272 -38.69 -3.15 -23.97
C LEU A 272 -38.26 -2.06 -24.98
N CYS A 273 -38.93 -2.02 -26.14
CA CYS A 273 -38.57 -1.10 -27.23
C CYS A 273 -39.53 0.08 -27.34
N CYS A 274 -39.02 1.29 -27.15
CA CYS A 274 -39.83 2.50 -27.20
C CYS A 274 -39.47 3.43 -28.36
N SER A 275 -40.51 3.92 -29.04
CA SER A 275 -40.37 4.78 -30.22
C SER A 275 -41.15 6.06 -30.09
N LYS A 276 -40.57 7.13 -30.60
CA LYS A 276 -41.25 8.41 -30.65
C LYS A 276 -41.94 8.62 -32.00
N THR A 277 -41.41 8.01 -33.07
CA THR A 277 -42.15 7.96 -34.32
C THR A 277 -43.06 6.72 -34.37
N ASP A 278 -44.06 6.76 -35.26
CA ASP A 278 -45.06 5.70 -35.36
C ASP A 278 -44.53 4.38 -35.95
N THR A 279 -43.36 4.39 -36.57
CA THR A 279 -42.84 3.17 -37.20
C THR A 279 -42.40 2.03 -36.25
N GLY A 280 -41.64 2.34 -35.19
CA GLY A 280 -41.18 1.31 -34.24
C GLY A 280 -39.89 0.59 -34.65
N LEU A 281 -39.57 -0.49 -33.94
CA LEU A 281 -38.22 -1.07 -33.98
C LEU A 281 -38.10 -2.47 -34.57
N THR A 282 -39.20 -2.97 -35.11
CA THR A 282 -39.27 -4.34 -35.58
C THR A 282 -38.56 -4.55 -36.93
N LYS A 283 -38.32 -3.46 -37.66
CA LYS A 283 -37.77 -3.53 -39.01
C LYS A 283 -36.45 -2.78 -39.18
N PRO A 284 -35.33 -3.51 -39.42
CA PRO A 284 -34.04 -2.90 -39.71
C PRO A 284 -34.12 -1.95 -40.92
N ASN A 285 -33.39 -0.84 -40.87
CA ASN A 285 -33.34 0.12 -41.97
C ASN A 285 -32.03 0.05 -42.68
N LYS A 286 -31.24 -0.98 -42.40
CA LYS A 286 -29.94 -1.16 -43.03
C LYS A 286 -29.45 -2.57 -42.78
N LYS A 287 -28.53 -3.05 -43.61
CA LYS A 287 -27.85 -4.29 -43.32
C LYS A 287 -26.44 -3.97 -42.82
N LEU A 288 -25.94 -4.83 -41.94
CA LEU A 288 -24.65 -4.60 -41.35
C LEU A 288 -23.62 -5.36 -42.19
N GLU A 289 -23.16 -4.72 -43.24
CA GLU A 289 -22.33 -5.42 -44.21
C GLU A 289 -20.83 -5.07 -44.25
N SER A 290 -20.44 -3.99 -43.58
CA SER A 290 -19.04 -3.58 -43.53
C SER A 290 -18.15 -4.55 -42.72
N LYS A 291 -16.83 -4.39 -42.84
CA LYS A 291 -15.87 -5.27 -42.16
C LYS A 291 -16.01 -5.27 -40.62
N GLU A 292 -16.62 -4.22 -40.06
CA GLU A 292 -16.80 -4.10 -38.60
C GLU A 292 -17.73 -5.17 -38.06
N PHE A 293 -18.68 -5.57 -38.90
CA PHE A 293 -19.74 -6.47 -38.46
C PHE A 293 -19.55 -7.92 -38.92
N ALA A 294 -18.46 -8.20 -39.60
CA ALA A 294 -18.23 -9.55 -40.14
C ALA A 294 -18.19 -10.62 -39.03
N ASP A 295 -17.98 -10.16 -37.80
CA ASP A 295 -17.77 -11.02 -36.62
C ASP A 295 -19.02 -11.29 -35.77
N LEU A 296 -20.15 -10.70 -36.14
CA LEU A 296 -21.42 -10.85 -35.40
C LEU A 296 -21.79 -12.32 -35.18
N LYS A 297 -22.19 -12.68 -33.96
CA LYS A 297 -22.42 -14.09 -33.63
C LYS A 297 -23.88 -14.46 -33.39
N TYR A 298 -24.74 -13.46 -33.16
CA TYR A 298 -26.15 -13.70 -32.95
C TYR A 298 -27.03 -12.90 -33.94
N TYR A 299 -27.04 -11.58 -33.79
CA TYR A 299 -27.82 -10.69 -34.63
C TYR A 299 -27.61 -10.92 -36.13
N ASN A 300 -28.70 -10.98 -36.86
CA ASN A 300 -28.70 -10.78 -38.30
C ASN A 300 -29.99 -10.10 -38.71
N TYR A 301 -30.05 -9.69 -39.97
CA TYR A 301 -31.20 -8.99 -40.54
C TYR A 301 -32.56 -9.68 -40.28
N GLU A 302 -32.59 -10.99 -40.44
CA GLU A 302 -33.82 -11.79 -40.25
C GLU A 302 -34.29 -12.02 -38.79
N ASN A 303 -33.37 -12.25 -37.85
CA ASN A 303 -33.82 -12.54 -36.49
C ASN A 303 -34.07 -11.27 -35.68
N HIS A 304 -33.79 -10.12 -36.30
CA HIS A 304 -34.20 -8.83 -35.78
C HIS A 304 -35.71 -8.81 -35.66
N SER A 305 -36.42 -9.11 -36.75
CA SER A 305 -37.88 -9.07 -36.76
C SER A 305 -38.47 -10.21 -35.94
N ALA A 306 -37.85 -11.40 -36.06
CA ALA A 306 -38.30 -12.64 -35.40
C ALA A 306 -38.42 -12.51 -33.89
N ALA A 307 -37.49 -11.78 -33.30
CA ALA A 307 -37.40 -11.60 -31.85
C ALA A 307 -38.65 -10.91 -31.29
N PHE A 308 -39.36 -10.20 -32.17
CA PHE A 308 -40.59 -9.48 -31.82
C PHE A 308 -41.83 -10.34 -31.91
N LYS A 309 -41.65 -11.59 -32.38
CA LYS A 309 -42.75 -12.56 -32.51
C LYS A 309 -42.87 -13.43 -31.25
N LEU A 310 -43.82 -13.07 -30.38
CA LEU A 310 -43.88 -13.51 -28.99
C LEU A 310 -44.85 -14.69 -28.82
N PRO A 311 -44.67 -15.51 -27.76
CA PRO A 311 -45.63 -16.59 -27.48
C PRO A 311 -47.06 -16.05 -27.28
N ALA A 312 -48.05 -16.88 -27.64
CA ALA A 312 -49.44 -16.49 -27.62
C ALA A 312 -49.92 -15.97 -26.27
N PHE A 313 -49.55 -16.64 -25.18
CA PHE A 313 -49.99 -16.24 -23.84
C PHE A 313 -49.51 -14.83 -23.45
N LEU A 314 -48.33 -14.45 -23.94
CA LEU A 314 -47.76 -13.13 -23.65
C LEU A 314 -48.53 -12.03 -24.38
N LEU A 315 -48.83 -12.28 -25.66
CA LEU A 315 -49.63 -11.36 -26.47
C LEU A 315 -51.00 -11.15 -25.89
N LYS A 316 -51.60 -12.24 -25.40
CA LYS A 316 -52.89 -12.17 -24.73
C LYS A 316 -52.79 -11.24 -23.50
N GLU A 317 -51.68 -11.30 -22.78
CA GLU A 317 -51.53 -10.52 -21.55
C GLU A 317 -51.29 -9.02 -21.80
N ILE A 318 -50.61 -8.68 -22.90
CA ILE A 318 -50.13 -7.33 -23.07
C ILE A 318 -50.88 -6.46 -24.08
N GLU A 319 -52.14 -6.81 -24.40
CA GLU A 319 -52.85 -5.95 -25.37
C GLU A 319 -54.14 -5.24 -24.90
N ASN A 320 -54.59 -5.50 -23.67
CA ASN A 320 -55.55 -4.58 -23.04
C ASN A 320 -54.79 -3.47 -22.27
N ILE A 321 -53.47 -3.46 -22.43
CA ILE A 321 -52.61 -2.44 -21.82
C ILE A 321 -52.64 -1.18 -22.67
N LYS B 41 6.87 -22.15 -4.47
CA LYS B 41 6.50 -20.75 -4.86
C LYS B 41 7.71 -19.98 -5.35
N LYS B 42 7.45 -18.89 -6.07
CA LYS B 42 8.51 -17.98 -6.49
C LYS B 42 8.64 -16.83 -5.48
N TRP B 43 9.75 -16.11 -5.59
CA TRP B 43 10.01 -14.98 -4.75
C TRP B 43 10.12 -13.78 -5.65
N PHE B 44 9.48 -12.68 -5.28
CA PHE B 44 9.76 -11.40 -5.91
C PHE B 44 11.01 -10.80 -5.30
N SER B 45 11.98 -10.39 -6.12
CA SER B 45 13.20 -9.75 -5.65
C SER B 45 13.38 -8.33 -6.19
N GLU B 46 13.82 -7.41 -5.33
CA GLU B 46 13.92 -6.00 -5.68
C GLU B 46 15.37 -5.55 -5.93
N PHE B 47 15.86 -5.83 -7.14
CA PHE B 47 17.18 -5.40 -7.59
C PHE B 47 17.07 -4.00 -8.17
N SER B 48 18.09 -3.18 -7.95
CA SER B 48 18.15 -1.89 -8.62
C SER B 48 19.56 -1.35 -8.65
N ILE B 49 19.86 -0.62 -9.72
CA ILE B 49 21.09 0.17 -9.84
C ILE B 49 21.13 1.34 -8.85
N MET B 50 19.98 1.68 -8.28
CA MET B 50 19.91 2.76 -7.31
C MET B 50 20.41 2.31 -5.93
N TRP B 51 20.42 1.00 -5.71
CA TRP B 51 21.00 0.40 -4.50
C TRP B 51 21.75 -0.90 -4.84
N PRO B 52 22.96 -0.79 -5.42
CA PRO B 52 23.64 -1.97 -5.98
C PRO B 52 24.13 -2.88 -4.87
N GLY B 53 24.27 -4.17 -5.19
CA GLY B 53 24.84 -5.12 -4.25
C GLY B 53 23.97 -5.54 -3.08
N GLN B 54 22.74 -5.04 -3.01
CA GLN B 54 21.77 -5.53 -2.05
C GLN B 54 20.46 -5.85 -2.75
N ALA B 55 19.63 -6.68 -2.13
CA ALA B 55 18.27 -6.92 -2.62
C ALA B 55 17.37 -7.39 -1.49
N PHE B 56 16.10 -7.02 -1.57
CA PHE B 56 15.06 -7.49 -0.67
C PHE B 56 14.04 -8.31 -1.43
N SER B 57 13.62 -9.43 -0.85
CA SER B 57 12.72 -10.37 -1.50
C SER B 57 11.52 -10.72 -0.64
N LEU B 58 10.39 -10.98 -1.28
CA LEU B 58 9.20 -11.49 -0.60
C LEU B 58 8.66 -12.68 -1.36
N LYS B 59 8.24 -13.69 -0.60
CA LYS B 59 7.61 -14.87 -1.17
C LYS B 59 6.23 -14.51 -1.69
N ILE B 60 5.94 -15.01 -2.88
CA ILE B 60 4.69 -14.77 -3.59
C ILE B 60 3.67 -15.86 -3.27
N LYS B 61 2.56 -15.46 -2.67
CA LYS B 61 1.40 -16.34 -2.52
C LYS B 61 0.75 -16.49 -3.88
N LYS B 62 0.39 -15.36 -4.51
CA LYS B 62 -0.15 -15.36 -5.89
C LYS B 62 0.06 -14.03 -6.56
N ILE B 63 0.30 -14.04 -7.88
CA ILE B 63 0.29 -12.82 -8.70
C ILE B 63 -1.19 -12.44 -8.90
N LEU B 64 -1.52 -11.16 -8.84
CA LEU B 64 -2.91 -10.75 -9.04
C LEU B 64 -3.10 -9.96 -10.32
N TYR B 65 -2.14 -9.11 -10.66
CA TYR B 65 -2.24 -8.29 -11.86
C TYR B 65 -0.87 -7.88 -12.34
N GLU B 66 -0.65 -8.05 -13.62
CA GLU B 66 0.56 -7.59 -14.26
C GLU B 66 0.11 -6.92 -15.54
N THR B 67 0.67 -5.75 -15.82
CA THR B 67 0.34 -5.00 -17.02
C THR B 67 1.42 -3.98 -17.26
N LYS B 68 1.46 -3.41 -18.46
CA LYS B 68 2.36 -2.32 -18.76
C LYS B 68 1.52 -1.10 -19.09
N SER B 69 1.53 -0.07 -18.24
CA SER B 69 0.76 1.14 -18.56
C SER B 69 1.55 2.02 -19.53
N LYS B 70 0.99 3.17 -19.92
CA LYS B 70 1.67 4.13 -20.79
C LYS B 70 2.98 4.65 -20.21
N TYR B 71 3.22 4.38 -18.93
CA TYR B 71 4.33 5.00 -18.19
C TYR B 71 5.31 4.04 -17.54
N GLN B 72 4.79 2.91 -17.06
CA GLN B 72 5.54 2.04 -16.16
C GLN B 72 4.92 0.66 -16.10
N ASN B 73 5.72 -0.32 -15.70
CA ASN B 73 5.26 -1.67 -15.48
C ASN B 73 4.67 -1.76 -14.10
N VAL B 74 3.50 -2.40 -14.02
CA VAL B 74 2.69 -2.42 -12.81
C VAL B 74 2.50 -3.88 -12.42
N LEU B 75 2.89 -4.24 -11.20
CA LEU B 75 2.69 -5.59 -10.71
C LEU B 75 2.03 -5.53 -9.37
N VAL B 76 1.05 -6.39 -9.16
CA VAL B 76 0.36 -6.51 -7.89
C VAL B 76 0.41 -8.00 -7.56
N PHE B 77 0.94 -8.34 -6.39
CA PHE B 77 0.87 -9.71 -5.96
C PHE B 77 0.52 -9.78 -4.48
N GLU B 78 0.01 -10.91 -4.05
CA GLU B 78 -0.17 -11.13 -2.64
C GLU B 78 1.05 -11.87 -2.13
N SER B 79 1.75 -11.29 -1.19
CA SER B 79 2.84 -11.98 -0.54
C SER B 79 2.29 -12.86 0.55
N THR B 80 3.12 -13.78 1.02
CA THR B 80 2.74 -14.76 2.05
C THR B 80 2.70 -14.15 3.44
N THR B 81 3.49 -13.11 3.71
CA THR B 81 3.47 -12.48 5.05
C THR B 81 3.34 -10.96 5.14
N TYR B 82 3.41 -10.24 4.02
CA TYR B 82 3.25 -8.78 3.99
C TYR B 82 1.98 -8.31 3.28
N GLY B 83 1.03 -9.20 3.10
CA GLY B 83 -0.20 -8.91 2.38
C GLY B 83 0.06 -8.57 0.93
N LYS B 84 -0.80 -7.71 0.37
CA LYS B 84 -0.68 -7.30 -1.03
C LYS B 84 0.37 -6.24 -1.28
N VAL B 85 1.14 -6.43 -2.35
CA VAL B 85 2.30 -5.60 -2.66
C VAL B 85 2.07 -4.90 -3.99
N LEU B 86 2.40 -3.61 -4.08
CA LEU B 86 2.41 -2.91 -5.35
C LEU B 86 3.84 -2.65 -5.78
N VAL B 87 4.13 -2.94 -7.04
CA VAL B 87 5.47 -2.82 -7.59
C VAL B 87 5.40 -1.99 -8.86
N LEU B 88 6.16 -0.90 -8.93
CA LEU B 88 6.16 -0.08 -10.13
C LEU B 88 7.57 -0.12 -10.68
N ASP B 89 7.70 -0.56 -11.92
CA ASP B 89 9.02 -0.66 -12.55
C ASP B 89 10.00 -1.40 -11.67
N GLY B 90 9.61 -2.56 -11.16
CA GLY B 90 10.52 -3.44 -10.37
C GLY B 90 10.83 -3.00 -8.93
N VAL B 91 10.27 -1.89 -8.52
CA VAL B 91 10.48 -1.31 -7.20
C VAL B 91 9.20 -1.40 -6.37
N ILE B 92 9.29 -2.01 -5.18
CA ILE B 92 8.16 -2.02 -4.22
C ILE B 92 7.72 -0.61 -3.88
N GLN B 93 6.45 -0.32 -4.10
CA GLN B 93 5.93 0.99 -3.81
C GLN B 93 5.14 0.96 -2.54
N LEU B 94 4.55 -0.20 -2.23
CA LEU B 94 3.87 -0.37 -0.93
C LEU B 94 3.46 -1.79 -0.64
N THR B 95 3.40 -2.12 0.65
CA THR B 95 2.74 -3.32 1.09
C THR B 95 1.64 -2.94 2.07
N GLU B 96 0.66 -3.81 2.23
CA GLU B 96 -0.36 -3.61 3.26
C GLU B 96 0.21 -3.65 4.68
N LYS B 97 1.30 -4.38 4.86
CA LYS B 97 1.83 -4.55 6.21
C LYS B 97 2.37 -3.24 6.83
N ASP B 98 2.98 -2.38 6.02
CA ASP B 98 3.70 -1.22 6.56
C ASP B 98 3.38 0.14 5.98
N GLU B 99 2.52 0.19 4.97
CA GLU B 99 2.21 1.44 4.26
C GLU B 99 1.78 2.58 5.20
N PHE B 100 1.20 2.21 6.35
CA PHE B 100 0.65 3.22 7.26
C PHE B 100 1.77 4.06 7.87
N ALA B 101 2.98 3.50 7.89
CA ALA B 101 4.16 4.19 8.49
C ALA B 101 4.52 5.40 7.66
N TYR B 102 4.59 5.18 6.35
CA TYR B 102 4.95 6.21 5.41
C TYR B 102 3.82 7.25 5.28
N HIS B 103 2.60 6.79 5.10
CA HIS B 103 1.48 7.70 4.89
C HIS B 103 1.12 8.56 6.08
N GLU B 104 1.19 8.01 7.27
CA GLU B 104 0.86 8.79 8.47
C GLU B 104 1.88 9.85 8.74
N MET B 105 3.16 9.53 8.54
CA MET B 105 4.23 10.48 8.84
C MET B 105 4.29 11.58 7.79
N MET B 106 4.19 11.21 6.52
CA MET B 106 4.15 12.17 5.41
C MET B 106 3.01 13.16 5.55
N THR B 107 1.91 12.72 6.14
CA THR B 107 0.69 13.54 6.21
C THR B 107 0.56 14.34 7.50
N HIS B 108 0.68 13.68 8.64
CA HIS B 108 0.38 14.31 9.94
C HIS B 108 1.49 15.18 10.43
N VAL B 109 2.72 14.92 9.96
CA VAL B 109 3.79 15.87 10.21
C VAL B 109 3.45 17.30 9.70
N PRO B 110 3.24 17.52 8.38
CA PRO B 110 2.89 18.90 8.05
C PRO B 110 1.48 19.36 8.50
N MET B 111 0.53 18.42 8.58
CA MET B 111 -0.86 18.77 8.85
C MET B 111 -1.13 19.14 10.29
N THR B 112 -0.30 18.66 11.21
CA THR B 112 -0.35 19.12 12.60
C THR B 112 0.44 20.40 12.87
N VAL B 113 1.26 20.85 11.93
CA VAL B 113 1.97 22.12 12.06
C VAL B 113 1.23 23.26 11.34
N SER B 114 0.67 22.97 10.17
CA SER B 114 -0.20 23.93 9.48
C SER B 114 -1.40 24.26 10.36
N LYS B 115 -1.61 25.55 10.60
CA LYS B 115 -2.67 25.95 11.56
C LYS B 115 -4.07 25.66 11.05
N GLU B 116 -4.44 26.32 9.95
CA GLU B 116 -5.78 26.21 9.38
C GLU B 116 -5.74 25.89 7.88
N PRO B 117 -5.17 24.72 7.48
CA PRO B 117 -4.98 24.49 6.04
C PRO B 117 -6.31 24.27 5.30
N LYS B 118 -6.55 25.00 4.21
CA LYS B 118 -7.78 24.88 3.44
C LYS B 118 -7.56 24.15 2.11
N ASN B 119 -6.37 24.32 1.53
CA ASN B 119 -6.03 23.69 0.26
C ASN B 119 -4.79 22.87 0.36
N VAL B 120 -4.89 21.61 -0.04
CA VAL B 120 -3.77 20.69 0.05
C VAL B 120 -3.62 19.93 -1.28
N LEU B 121 -2.35 19.73 -1.67
CA LEU B 121 -2.01 19.08 -2.93
C LEU B 121 -1.15 17.86 -2.67
N VAL B 122 -1.45 16.76 -3.35
CA VAL B 122 -0.63 15.56 -3.31
C VAL B 122 -0.05 15.34 -4.68
N VAL B 123 1.27 15.29 -4.75
CA VAL B 123 1.94 15.07 -6.02
C VAL B 123 2.34 13.60 -6.08
N GLY B 124 1.85 12.87 -7.09
CA GLY B 124 2.05 11.43 -7.18
C GLY B 124 0.97 10.79 -6.34
N GLY B 125 1.31 9.71 -5.63
CA GLY B 125 0.41 9.07 -4.66
C GLY B 125 -0.95 8.61 -5.17
N GLY B 126 -0.97 8.08 -6.39
CA GLY B 126 -2.16 7.50 -7.01
C GLY B 126 -2.81 6.43 -6.16
N ASP B 127 -2.02 5.72 -5.35
CA ASP B 127 -2.58 4.71 -4.43
C ASP B 127 -3.66 5.27 -3.49
N GLY B 128 -3.55 6.55 -3.13
CA GLY B 128 -4.55 7.19 -2.24
C GLY B 128 -4.20 7.25 -0.76
N GLY B 129 -3.09 6.65 -0.37
CA GLY B 129 -2.70 6.57 1.05
C GLY B 129 -2.70 7.92 1.76
N ILE B 130 -2.09 8.92 1.12
CA ILE B 130 -1.95 10.24 1.64
C ILE B 130 -3.34 10.91 1.74
N ILE B 131 -4.17 10.74 0.71
CA ILE B 131 -5.53 11.23 0.67
C ILE B 131 -6.38 10.64 1.80
N ARG B 132 -6.31 9.32 1.98
CA ARG B 132 -6.91 8.67 3.15
C ARG B 132 -6.62 9.44 4.44
N GLU B 133 -5.36 9.76 4.67
CA GLU B 133 -4.96 10.51 5.89
C GLU B 133 -5.39 11.98 5.92
N LEU B 134 -5.39 12.62 4.75
CA LEU B 134 -5.84 13.98 4.62
C LEU B 134 -7.32 14.11 4.89
N CYS B 135 -8.10 13.11 4.48
CA CYS B 135 -9.53 13.14 4.70
C CYS B 135 -9.95 13.31 6.15
N LYS B 136 -9.14 12.80 7.06
CA LYS B 136 -9.39 12.85 8.49
C LYS B 136 -9.45 14.28 9.02
N TYR B 137 -8.95 15.25 8.25
CA TYR B 137 -8.95 16.63 8.67
C TYR B 137 -10.18 17.26 8.09
N LYS B 138 -11.06 17.73 8.98
CA LYS B 138 -12.36 18.26 8.60
C LYS B 138 -12.32 19.72 8.15
N SER B 139 -11.29 20.46 8.58
CA SER B 139 -11.05 21.84 8.13
C SER B 139 -10.58 22.02 6.66
N VAL B 140 -10.00 20.97 6.05
CA VAL B 140 -9.48 21.04 4.69
C VAL B 140 -10.65 21.12 3.73
N GLU B 141 -10.55 22.04 2.76
CA GLU B 141 -11.65 22.26 1.83
C GLU B 141 -11.41 21.59 0.50
N ASN B 142 -10.17 21.58 0.02
CA ASN B 142 -9.86 20.97 -1.26
C ASN B 142 -8.63 20.08 -1.19
N ILE B 143 -8.80 18.85 -1.63
CA ILE B 143 -7.68 17.93 -1.69
C ILE B 143 -7.46 17.64 -3.17
N ASP B 144 -6.47 18.31 -3.74
CA ASP B 144 -6.12 18.09 -5.12
C ASP B 144 -5.08 17.02 -5.13
N ILE B 145 -5.10 16.20 -6.18
CA ILE B 145 -4.11 15.18 -6.38
C ILE B 145 -3.76 15.15 -7.83
N CYS B 146 -2.45 15.25 -8.10
CA CYS B 146 -1.96 15.19 -9.45
C CYS B 146 -1.11 13.94 -9.62
N GLU B 147 -1.67 12.96 -10.31
CA GLU B 147 -1.03 11.65 -10.56
C GLU B 147 -0.92 11.37 -12.07
N ILE B 148 0.29 11.08 -12.55
CA ILE B 148 0.51 10.91 -13.99
C ILE B 148 -0.26 9.71 -14.58
N ASP B 149 -0.39 8.64 -13.81
CA ASP B 149 -0.73 7.30 -14.32
C ASP B 149 -2.03 6.80 -13.75
N GLU B 150 -3.09 6.88 -14.55
CA GLU B 150 -4.43 6.52 -14.09
C GLU B 150 -4.56 5.05 -13.72
N THR B 151 -3.74 4.20 -14.34
CA THR B 151 -3.73 2.77 -14.06
C THR B 151 -3.41 2.46 -12.62
N VAL B 152 -2.47 3.25 -12.04
CA VAL B 152 -2.11 3.09 -10.63
C VAL B 152 -3.34 3.37 -9.76
N ILE B 153 -4.06 4.44 -10.07
CA ILE B 153 -5.28 4.77 -9.31
C ILE B 153 -6.28 3.61 -9.40
N GLU B 154 -6.48 3.08 -10.60
CA GLU B 154 -7.47 2.01 -10.83
C GLU B 154 -7.12 0.73 -10.11
N VAL B 155 -5.86 0.30 -10.29
CA VAL B 155 -5.30 -0.86 -9.61
C VAL B 155 -5.43 -0.75 -8.06
N SER B 156 -5.21 0.43 -7.51
CA SER B 156 -5.39 0.68 -6.09
C SER B 156 -6.86 0.60 -5.64
N LYS B 157 -7.76 1.13 -6.47
CA LYS B 157 -9.19 1.05 -6.18
C LYS B 157 -9.70 -0.39 -6.15
N ILE B 158 -9.07 -1.25 -6.97
CA ILE B 158 -9.45 -2.66 -7.05
C ILE B 158 -8.82 -3.54 -5.96
N TYR B 159 -7.51 -3.41 -5.74
CA TYR B 159 -6.82 -4.38 -4.90
C TYR B 159 -6.47 -3.84 -3.53
N PHE B 160 -6.49 -2.53 -3.38
CA PHE B 160 -5.97 -1.93 -2.15
C PHE B 160 -7.05 -1.03 -1.55
N LYS B 161 -8.23 -1.60 -1.31
CA LYS B 161 -9.41 -0.83 -0.90
C LYS B 161 -9.27 -0.07 0.39
N ASN B 162 -8.48 -0.60 1.33
CA ASN B 162 -8.19 0.09 2.59
C ASN B 162 -7.22 1.27 2.46
N ILE B 163 -6.55 1.36 1.32
CA ILE B 163 -5.67 2.47 1.04
C ILE B 163 -6.38 3.50 0.17
N SER B 164 -7.19 3.05 -0.80
CA SER B 164 -7.79 3.94 -1.80
C SER B 164 -9.15 4.50 -1.40
N CYS B 165 -9.63 4.17 -0.21
CA CYS B 165 -10.96 4.58 0.24
C CYS B 165 -11.17 6.11 0.30
N GLY B 166 -10.09 6.89 0.39
CA GLY B 166 -10.19 8.35 0.44
C GLY B 166 -10.71 8.99 -0.86
N TYR B 167 -10.65 8.24 -1.96
CA TYR B 167 -11.13 8.71 -3.25
C TYR B 167 -12.65 8.95 -3.26
N GLU B 168 -13.35 8.32 -2.32
CA GLU B 168 -14.78 8.55 -2.13
C GLU B 168 -15.07 9.93 -1.56
N ASP B 169 -14.08 10.56 -0.93
CA ASP B 169 -14.33 11.85 -0.32
C ASP B 169 -14.63 12.93 -1.37
N LYS B 170 -15.60 13.81 -1.07
CA LYS B 170 -16.12 14.81 -2.03
C LYS B 170 -15.16 15.98 -2.26
N ARG B 171 -14.29 16.24 -1.30
CA ARG B 171 -13.26 17.28 -1.46
C ARG B 171 -12.08 16.83 -2.38
N VAL B 172 -12.08 15.59 -2.86
CA VAL B 172 -10.94 15.09 -3.68
C VAL B 172 -11.10 15.36 -5.16
N ASN B 173 -10.19 16.17 -5.70
CA ASN B 173 -10.15 16.44 -7.13
C ASN B 173 -8.91 15.75 -7.75
N VAL B 174 -9.15 14.90 -8.73
CA VAL B 174 -8.06 14.09 -9.33
C VAL B 174 -7.69 14.68 -10.69
N PHE B 175 -6.42 15.01 -10.85
CA PHE B 175 -5.84 15.40 -12.13
C PHE B 175 -4.87 14.35 -12.66
N ILE B 176 -5.05 13.96 -13.91
CA ILE B 176 -4.18 12.98 -14.51
C ILE B 176 -3.20 13.73 -15.38
N GLU B 177 -2.03 14.02 -14.82
CA GLU B 177 -1.12 14.95 -15.45
C GLU B 177 0.23 14.82 -14.78
N ASP B 178 1.26 15.22 -15.51
CA ASP B 178 2.62 15.30 -14.98
C ASP B 178 2.63 16.50 -14.06
N ALA B 179 3.01 16.27 -12.80
CA ALA B 179 2.98 17.32 -11.76
C ALA B 179 3.89 18.48 -12.11
N SER B 180 4.97 18.17 -12.80
CA SER B 180 5.91 19.17 -13.31
C SER B 180 5.20 20.19 -14.20
N LYS B 181 4.29 19.69 -15.04
CA LYS B 181 3.47 20.48 -15.92
C LYS B 181 2.32 21.11 -15.12
N PHE B 182 1.65 20.31 -14.29
CA PHE B 182 0.60 20.82 -13.42
C PHE B 182 1.07 22.08 -12.71
N LEU B 183 2.20 21.97 -11.99
CA LEU B 183 2.68 23.04 -11.10
C LEU B 183 3.17 24.32 -11.77
N GLU B 184 3.62 24.25 -13.01
CA GLU B 184 4.02 25.49 -13.68
C GLU B 184 2.82 26.45 -13.85
N ASN B 185 1.63 25.92 -13.62
CA ASN B 185 0.39 26.68 -13.76
C ASN B 185 -0.19 27.23 -12.47
N VAL B 186 0.30 26.75 -11.33
CA VAL B 186 -0.28 27.16 -10.04
C VAL B 186 0.66 28.02 -9.22
N THR B 187 0.07 28.99 -8.52
CA THR B 187 0.83 29.91 -7.72
C THR B 187 -0.03 30.33 -6.54
N ASN B 188 0.63 30.53 -5.41
CA ASN B 188 0.01 31.09 -4.23
C ASN B 188 -1.30 30.36 -3.87
N THR B 189 -1.30 29.02 -3.92
CA THR B 189 -2.53 28.24 -3.74
C THR B 189 -2.56 27.32 -2.53
N TYR B 190 -1.54 26.48 -2.38
CA TYR B 190 -1.62 25.41 -1.40
C TYR B 190 -1.00 25.76 -0.08
N ASP B 191 -1.70 25.38 1.00
CA ASP B 191 -1.17 25.54 2.35
C ASP B 191 -0.14 24.45 2.65
N VAL B 192 -0.34 23.28 2.06
CA VAL B 192 0.57 22.14 2.22
C VAL B 192 0.66 21.39 0.89
N ILE B 193 1.88 20.98 0.52
CA ILE B 193 2.09 20.09 -0.64
C ILE B 193 2.88 18.87 -0.20
N ILE B 194 2.39 17.69 -0.58
CA ILE B 194 2.98 16.46 -0.15
C ILE B 194 3.47 15.77 -1.41
N VAL B 195 4.77 15.68 -1.56
CA VAL B 195 5.32 15.07 -2.77
C VAL B 195 5.49 13.58 -2.53
N ASP B 196 4.58 12.80 -3.07
CA ASP B 196 4.59 11.36 -2.88
C ASP B 196 5.08 10.66 -4.16
N SER B 197 6.22 11.07 -4.69
CA SER B 197 6.63 10.53 -5.99
C SER B 197 7.37 9.21 -5.84
N SER B 198 7.49 8.46 -6.94
CA SER B 198 8.35 7.26 -7.02
C SER B 198 9.81 7.65 -7.24
N ASP B 199 10.65 6.69 -7.60
CA ASP B 199 12.09 6.93 -7.80
C ASP B 199 12.43 7.60 -9.14
N PRO B 200 13.57 8.34 -9.19
CA PRO B 200 14.01 9.17 -10.32
C PRO B 200 14.10 8.47 -11.68
N ILE B 201 13.98 7.14 -11.73
CA ILE B 201 13.86 6.46 -13.03
C ILE B 201 12.39 6.08 -13.32
N GLY B 202 11.90 6.49 -14.50
CA GLY B 202 10.48 6.36 -14.84
C GLY B 202 9.87 7.76 -14.86
N PRO B 203 8.53 7.85 -14.80
CA PRO B 203 7.86 9.16 -14.95
C PRO B 203 8.25 10.23 -13.93
N ALA B 204 8.76 9.82 -12.78
CA ALA B 204 9.15 10.77 -11.73
C ALA B 204 10.42 11.56 -12.06
N GLU B 205 11.11 11.24 -13.15
CA GLU B 205 12.38 11.92 -13.50
C GLU B 205 12.19 13.38 -13.79
N THR B 206 10.99 13.74 -14.23
CA THR B 206 10.60 15.13 -14.47
C THR B 206 10.42 15.96 -13.19
N LEU B 207 10.55 15.33 -12.01
CA LEU B 207 10.35 15.97 -10.70
C LEU B 207 11.69 16.08 -9.97
N PHE B 208 12.70 15.47 -10.59
CA PHE B 208 14.04 15.29 -10.06
C PHE B 208 14.96 16.40 -10.61
N ASN B 209 14.73 17.63 -10.12
CA ASN B 209 15.48 18.84 -10.50
C ASN B 209 15.19 20.05 -9.61
N GLN B 210 16.08 21.05 -9.67
CA GLN B 210 15.98 22.24 -8.82
C GLN B 210 14.70 23.02 -9.15
N ASN B 211 14.30 22.92 -10.42
CA ASN B 211 13.18 23.63 -11.00
C ASN B 211 11.81 23.17 -10.44
N PHE B 212 11.67 21.87 -10.15
CA PHE B 212 10.50 21.36 -9.47
C PHE B 212 10.27 22.10 -8.16
N TYR B 213 11.35 22.32 -7.42
CA TYR B 213 11.28 23.00 -6.13
C TYR B 213 10.93 24.47 -6.17
N GLU B 214 11.32 25.16 -7.25
CA GLU B 214 10.86 26.54 -7.49
C GLU B 214 9.37 26.56 -7.68
N LYS B 215 8.89 25.59 -8.46
CA LYS B 215 7.47 25.41 -8.74
C LYS B 215 6.70 25.12 -7.48
N ILE B 216 7.20 24.18 -6.67
CA ILE B 216 6.64 23.92 -5.34
C ILE B 216 6.59 25.22 -4.53
N TYR B 217 7.73 25.90 -4.42
CA TYR B 217 7.83 27.15 -3.66
C TYR B 217 6.76 28.15 -4.10
N ASN B 218 6.65 28.34 -5.42
CA ASN B 218 5.68 29.28 -5.96
C ASN B 218 4.23 28.84 -5.79
N ALA B 219 3.99 27.53 -5.85
CA ALA B 219 2.63 26.99 -5.69
C ALA B 219 2.06 27.19 -4.29
N LEU B 220 2.95 27.25 -3.29
CA LEU B 220 2.55 27.41 -1.90
C LEU B 220 2.08 28.80 -1.57
N LYS B 221 1.23 28.89 -0.55
CA LYS B 221 0.87 30.16 0.06
C LYS B 221 2.11 30.79 0.71
N PRO B 222 2.05 32.10 1.06
CA PRO B 222 3.24 32.74 1.63
C PRO B 222 3.79 31.99 2.85
N ASN B 223 2.96 31.21 3.52
CA ASN B 223 3.36 30.55 4.76
C ASN B 223 3.23 29.04 4.68
N GLY B 224 3.18 28.51 3.46
CA GLY B 224 2.93 27.09 3.25
C GLY B 224 4.08 26.16 3.53
N TYR B 225 3.79 24.85 3.56
CA TYR B 225 4.76 23.79 3.86
C TYR B 225 4.85 22.75 2.73
N CYS B 226 6.03 22.18 2.52
CA CYS B 226 6.13 21.06 1.58
C CYS B 226 6.89 19.91 2.23
N VAL B 227 6.35 18.71 2.16
CA VAL B 227 7.14 17.53 2.53
C VAL B 227 7.28 16.66 1.30
N ALA B 228 8.46 16.08 1.14
CA ALA B 228 8.78 15.26 -0.03
C ALA B 228 9.55 13.99 0.35
N GLN B 229 9.12 12.86 -0.18
CA GLN B 229 9.83 11.59 -0.09
C GLN B 229 11.29 11.88 -0.43
N CYS B 230 12.24 11.39 0.38
CA CYS B 230 13.64 11.81 0.16
C CYS B 230 14.78 10.86 0.53
N GLU B 231 14.77 9.65 -0.01
CA GLU B 231 15.89 8.71 0.09
C GLU B 231 16.25 8.13 1.45
N SER B 232 17.05 7.06 1.41
CA SER B 232 17.55 6.42 2.63
C SER B 232 18.89 7.02 3.04
N LEU B 233 18.98 7.50 4.28
CA LEU B 233 20.26 7.98 4.79
C LEU B 233 21.37 6.91 4.75
N TRP B 234 21.00 5.65 4.49
CA TRP B 234 21.99 4.55 4.47
C TRP B 234 22.68 4.35 3.13
N ILE B 235 22.11 4.90 2.06
CA ILE B 235 22.66 4.75 0.73
C ILE B 235 22.77 6.04 -0.09
N HIS B 236 22.10 7.14 0.29
CA HIS B 236 22.16 8.33 -0.59
C HIS B 236 22.29 9.67 0.08
N VAL B 237 23.31 9.79 0.93
CA VAL B 237 23.63 11.04 1.60
C VAL B 237 24.02 12.13 0.60
N GLY B 238 24.78 11.77 -0.45
CA GLY B 238 25.06 12.71 -1.55
C GLY B 238 23.79 13.39 -2.08
N THR B 239 22.83 12.61 -2.56
CA THR B 239 21.55 13.14 -2.98
C THR B 239 20.82 13.93 -1.89
N ILE B 240 20.74 13.40 -0.68
CA ILE B 240 20.16 14.11 0.46
C ILE B 240 20.73 15.52 0.65
N LYS B 241 22.06 15.66 0.55
CA LYS B 241 22.73 16.96 0.66
C LYS B 241 22.43 17.88 -0.49
N ASN B 242 22.41 17.35 -1.71
CA ASN B 242 22.00 18.14 -2.87
C ASN B 242 20.61 18.74 -2.69
N MET B 243 19.67 17.90 -2.29
CA MET B 243 18.28 18.28 -2.17
C MET B 243 18.14 19.34 -1.07
N ILE B 244 18.74 19.09 0.08
CA ILE B 244 18.76 20.07 1.16
C ILE B 244 19.33 21.40 0.66
N GLY B 245 20.39 21.28 -0.14
CA GLY B 245 21.08 22.41 -0.75
C GLY B 245 20.23 23.25 -1.70
N TYR B 246 19.54 22.63 -2.67
CA TYR B 246 18.64 23.39 -3.53
C TYR B 246 17.63 24.08 -2.62
N ALA B 247 16.90 23.27 -1.87
CA ALA B 247 15.75 23.71 -1.09
C ALA B 247 16.08 24.92 -0.19
N LYS B 248 17.29 24.90 0.37
CA LYS B 248 17.77 25.97 1.24
C LYS B 248 17.98 27.29 0.48
N LYS B 249 18.07 27.23 -0.85
CA LYS B 249 18.13 28.45 -1.66
C LYS B 249 16.78 29.16 -1.74
N LEU B 250 15.70 28.45 -1.42
CA LEU B 250 14.33 28.99 -1.53
C LEU B 250 13.59 29.10 -0.21
N PHE B 251 13.68 28.06 0.61
CA PHE B 251 12.86 27.95 1.80
C PHE B 251 13.58 28.48 3.03
N LYS B 252 12.81 29.05 3.96
CA LYS B 252 13.32 29.72 5.15
C LYS B 252 13.86 28.70 6.15
N LYS B 253 13.18 27.56 6.22
CA LYS B 253 13.62 26.43 7.04
C LYS B 253 13.54 25.13 6.25
N VAL B 254 14.60 24.33 6.28
CA VAL B 254 14.63 23.02 5.61
C VAL B 254 15.18 21.99 6.59
N GLU B 255 14.43 20.90 6.81
CA GLU B 255 14.71 19.91 7.85
C GLU B 255 14.57 18.52 7.23
N TYR B 256 15.00 17.49 7.93
CA TYR B 256 14.96 16.15 7.36
C TYR B 256 14.54 15.15 8.43
N ALA B 257 13.62 14.24 8.09
CA ALA B 257 13.08 13.28 9.04
C ALA B 257 13.26 11.89 8.48
N ASN B 258 13.44 10.90 9.35
CA ASN B 258 13.55 9.48 8.92
C ASN B 258 12.33 8.69 9.43
N ILE B 259 11.82 7.82 8.57
CA ILE B 259 10.67 6.95 8.90
C ILE B 259 11.15 5.51 8.79
N SER B 260 10.77 4.69 9.77
CA SER B 260 11.03 3.27 9.76
C SER B 260 9.96 2.60 8.90
N ILE B 261 10.39 1.93 7.83
CA ILE B 261 9.48 1.20 6.95
C ILE B 261 10.28 0.07 6.28
N PRO B 262 10.03 -1.18 6.66
CA PRO B 262 10.86 -2.38 6.31
C PRO B 262 10.98 -2.82 4.84
N THR B 263 9.99 -2.43 4.01
CA THR B 263 9.96 -2.84 2.60
C THR B 263 10.52 -1.81 1.62
N TYR B 264 11.07 -0.71 2.11
CA TYR B 264 11.88 0.21 1.31
C TYR B 264 13.36 -0.12 1.56
N PRO B 265 14.24 0.06 0.54
CA PRO B 265 15.64 -0.37 0.68
C PRO B 265 16.31 0.27 1.88
N CYS B 266 16.94 -0.57 2.70
CA CYS B 266 17.64 -0.14 3.92
C CYS B 266 16.70 0.06 5.11
N GLY B 267 15.40 -0.09 4.87
CA GLY B 267 14.41 -0.16 5.92
C GLY B 267 13.93 1.17 6.43
N CYS B 268 14.29 2.23 5.72
CA CYS B 268 13.81 3.55 6.04
C CYS B 268 13.76 4.42 4.81
N ILE B 269 13.03 5.53 4.92
CA ILE B 269 13.00 6.58 3.93
C ILE B 269 12.96 7.90 4.65
N GLY B 270 13.55 8.92 4.02
CA GLY B 270 13.63 10.21 4.63
C GLY B 270 12.58 11.12 4.08
N ILE B 271 12.21 12.11 4.84
CA ILE B 271 11.31 13.12 4.34
C ILE B 271 12.03 14.45 4.36
N LEU B 272 12.05 15.13 3.23
CA LEU B 272 12.60 16.48 3.17
C LEU B 272 11.48 17.46 3.50
N CYS B 273 11.66 18.28 4.54
CA CYS B 273 10.61 19.19 5.08
C CYS B 273 10.90 20.68 4.95
N CYS B 274 10.19 21.34 4.03
CA CYS B 274 10.44 22.71 3.64
C CYS B 274 9.38 23.69 4.21
N SER B 275 9.81 24.70 4.98
CA SER B 275 8.88 25.72 5.46
C SER B 275 9.17 27.06 4.83
N LYS B 276 8.10 27.82 4.60
CA LYS B 276 8.24 29.19 4.15
C LYS B 276 8.31 30.15 5.34
N THR B 277 8.14 29.60 6.54
CA THR B 277 8.31 30.37 7.76
C THR B 277 9.55 29.85 8.48
N ASP B 278 10.06 30.60 9.46
CA ASP B 278 11.30 30.20 10.10
C ASP B 278 11.07 29.33 11.33
N THR B 279 9.81 29.11 11.67
CA THR B 279 9.45 27.98 12.51
C THR B 279 9.18 26.85 11.53
N GLY B 280 9.84 25.72 11.69
CA GLY B 280 9.77 24.68 10.68
C GLY B 280 8.74 23.66 11.05
N LEU B 281 9.10 22.40 10.83
CA LEU B 281 8.13 21.33 10.94
C LEU B 281 8.35 20.34 12.07
N THR B 282 9.23 20.64 13.01
CA THR B 282 9.64 19.67 14.02
C THR B 282 8.67 19.55 15.19
N LYS B 283 7.83 20.55 15.41
CA LYS B 283 6.96 20.53 16.59
C LYS B 283 5.50 20.60 16.14
N PRO B 284 4.69 19.61 16.52
CA PRO B 284 3.30 19.74 16.12
C PRO B 284 2.61 20.89 16.88
N ASN B 285 1.62 21.52 16.24
CA ASN B 285 0.83 22.62 16.84
C ASN B 285 -0.50 22.12 17.39
N LYS B 286 -0.79 20.85 17.18
CA LYS B 286 -2.00 20.25 17.69
C LYS B 286 -1.80 18.78 17.98
N LYS B 287 -2.65 18.25 18.85
CA LYS B 287 -2.70 16.81 19.07
C LYS B 287 -3.91 16.26 18.31
N LEU B 288 -3.77 15.06 17.78
CA LEU B 288 -4.82 14.51 16.96
C LEU B 288 -5.78 13.74 17.85
N GLU B 289 -6.81 14.44 18.32
CA GLU B 289 -7.62 13.87 19.39
C GLU B 289 -9.03 13.46 19.02
N SER B 290 -9.56 14.03 17.94
CA SER B 290 -10.89 13.67 17.51
C SER B 290 -10.90 12.20 17.06
N LYS B 291 -12.08 11.60 16.95
CA LYS B 291 -12.19 10.17 16.67
C LYS B 291 -11.69 9.69 15.30
N GLU B 292 -11.56 10.62 14.34
CA GLU B 292 -10.97 10.30 13.02
C GLU B 292 -9.55 9.77 13.11
N PHE B 293 -8.86 10.16 14.18
CA PHE B 293 -7.45 9.85 14.37
C PHE B 293 -7.20 8.79 15.42
N ALA B 294 -8.24 8.04 15.79
CA ALA B 294 -8.12 7.04 16.85
C ALA B 294 -7.47 5.73 16.36
N ASP B 295 -7.49 5.51 15.06
CA ASP B 295 -6.98 4.29 14.48
C ASP B 295 -5.51 4.45 13.98
N LEU B 296 -4.80 5.52 14.35
CA LEU B 296 -3.43 5.78 13.84
C LEU B 296 -2.47 4.70 14.33
N LYS B 297 -1.75 4.08 13.39
CA LYS B 297 -0.86 2.99 13.76
C LYS B 297 0.62 3.33 13.93
N TYR B 298 1.06 4.53 13.53
CA TYR B 298 2.48 4.88 13.65
C TYR B 298 2.66 6.27 14.26
N TYR B 299 2.11 7.28 13.61
CA TYR B 299 2.26 8.65 14.06
C TYR B 299 1.62 8.85 15.45
N ASN B 300 2.34 9.54 16.34
CA ASN B 300 1.79 10.19 17.53
C ASN B 300 2.54 11.48 17.81
N TYR B 301 2.03 12.27 18.75
CA TYR B 301 2.64 13.52 19.19
C TYR B 301 4.17 13.43 19.41
N GLU B 302 4.62 12.43 20.15
CA GLU B 302 6.02 12.39 20.56
C GLU B 302 6.95 11.92 19.44
N ASN B 303 6.49 11.01 18.60
CA ASN B 303 7.40 10.53 17.59
C ASN B 303 7.48 11.42 16.35
N HIS B 304 6.62 12.43 16.29
CA HIS B 304 6.70 13.53 15.30
C HIS B 304 8.05 14.24 15.40
N SER B 305 8.38 14.80 16.58
CA SER B 305 9.67 15.41 16.85
C SER B 305 10.81 14.40 16.79
N ALA B 306 10.57 13.19 17.29
CA ALA B 306 11.59 12.16 17.37
C ALA B 306 12.16 11.81 15.99
N ALA B 307 11.32 11.83 14.95
CA ALA B 307 11.76 11.54 13.57
C ALA B 307 12.84 12.49 13.04
N PHE B 308 12.91 13.70 13.61
CA PHE B 308 13.88 14.71 13.15
C PHE B 308 15.25 14.63 13.89
N LYS B 309 15.37 13.66 14.81
CA LYS B 309 16.64 13.36 15.50
C LYS B 309 17.48 12.29 14.74
N LEU B 310 18.40 12.77 13.89
CA LEU B 310 19.10 11.92 12.90
C LEU B 310 20.37 11.29 13.44
N PRO B 311 20.82 10.13 12.87
CA PRO B 311 22.18 9.69 13.20
C PRO B 311 23.17 10.84 13.16
N ALA B 312 24.14 10.83 14.07
CA ALA B 312 25.16 11.89 14.10
C ALA B 312 25.95 12.00 12.79
N PHE B 313 26.29 10.87 12.16
CA PHE B 313 27.00 10.93 10.88
C PHE B 313 26.22 11.81 9.86
N LEU B 314 24.89 11.72 9.84
CA LEU B 314 24.10 12.48 8.87
C LEU B 314 23.99 13.95 9.26
N LEU B 315 23.92 14.23 10.57
CA LEU B 315 23.94 15.61 11.03
C LEU B 315 25.23 16.32 10.58
N LYS B 316 26.37 15.66 10.78
CA LYS B 316 27.64 16.22 10.38
C LYS B 316 27.65 16.59 8.88
N GLU B 317 27.12 15.72 8.03
CA GLU B 317 27.03 15.95 6.59
C GLU B 317 26.08 17.07 6.20
N ILE B 318 24.92 17.16 6.85
CA ILE B 318 23.88 18.09 6.39
C ILE B 318 23.91 19.46 7.06
N GLU B 319 25.04 19.79 7.69
CA GLU B 319 25.42 21.19 7.87
C GLU B 319 26.95 21.48 7.78
N ASN B 320 27.64 20.68 6.97
CA ASN B 320 28.89 21.09 6.31
C ASN B 320 29.12 20.32 5.00
N LYS C 42 27.58 -14.13 -7.45
CA LYS C 42 26.78 -14.88 -6.42
C LYS C 42 26.38 -13.97 -5.24
N TRP C 43 25.19 -14.26 -4.69
CA TRP C 43 24.56 -13.51 -3.62
C TRP C 43 24.45 -14.37 -2.38
N PHE C 44 24.72 -13.78 -1.22
CA PHE C 44 24.30 -14.42 0.03
C PHE C 44 22.89 -13.92 0.39
N SER C 45 21.97 -14.84 0.68
CA SER C 45 20.57 -14.53 0.96
C SER C 45 20.18 -14.99 2.34
N GLU C 46 19.60 -14.10 3.13
CA GLU C 46 19.37 -14.43 4.54
C GLU C 46 17.95 -14.88 4.84
N PHE C 47 17.72 -16.18 4.66
CA PHE C 47 16.45 -16.79 4.99
C PHE C 47 16.45 -17.30 6.42
N SER C 48 15.28 -17.26 7.06
CA SER C 48 15.09 -17.87 8.36
C SER C 48 13.62 -18.10 8.63
N ILE C 49 13.31 -19.15 9.40
CA ILE C 49 11.95 -19.36 9.87
C ILE C 49 11.50 -18.24 10.84
N MET C 50 12.44 -17.41 11.29
CA MET C 50 12.19 -16.32 12.26
C MET C 50 11.70 -15.05 11.58
N TRP C 51 11.89 -15.00 10.26
CA TRP C 51 11.29 -14.00 9.40
C TRP C 51 10.79 -14.67 8.12
N PRO C 52 9.63 -15.37 8.22
CA PRO C 52 9.17 -16.19 7.10
C PRO C 52 8.64 -15.30 5.97
N GLY C 53 8.98 -15.67 4.73
CA GLY C 53 8.45 -15.00 3.55
C GLY C 53 9.24 -13.78 3.14
N GLN C 54 10.39 -13.56 3.75
CA GLN C 54 11.20 -12.41 3.42
C GLN C 54 12.68 -12.80 3.45
N ALA C 55 13.52 -12.06 2.72
CA ALA C 55 14.95 -12.32 2.67
C ALA C 55 15.68 -11.07 2.27
N PHE C 56 16.75 -10.77 2.98
CA PHE C 56 17.66 -9.70 2.57
C PHE C 56 18.81 -10.45 1.89
N SER C 57 19.37 -9.86 0.85
CA SER C 57 20.47 -10.50 0.11
C SER C 57 21.59 -9.52 -0.12
N LEU C 58 22.82 -9.97 0.02
CA LEU C 58 23.93 -9.11 -0.31
C LEU C 58 24.81 -9.81 -1.35
N LYS C 59 25.37 -9.04 -2.29
CA LYS C 59 26.30 -9.57 -3.29
C LYS C 59 27.71 -9.77 -2.71
N ILE C 60 28.28 -10.93 -3.00
CA ILE C 60 29.58 -11.36 -2.49
C ILE C 60 30.72 -10.88 -3.40
N LYS C 61 31.70 -10.18 -2.85
CA LYS C 61 32.95 -9.93 -3.57
C LYS C 61 33.83 -11.18 -3.47
N LYS C 62 34.07 -11.68 -2.27
CA LYS C 62 34.69 -13.00 -2.09
C LYS C 62 34.36 -13.62 -0.73
N ILE C 63 34.31 -14.95 -0.68
CA ILE C 63 34.22 -15.64 0.60
C ILE C 63 35.61 -15.73 1.24
N LEU C 64 35.73 -15.21 2.46
CA LEU C 64 37.00 -15.15 3.18
C LEU C 64 37.26 -16.34 4.11
N TYR C 65 36.18 -16.92 4.66
CA TYR C 65 36.31 -17.92 5.72
C TYR C 65 34.97 -18.58 5.98
N GLU C 66 35.00 -19.92 5.98
CA GLU C 66 33.88 -20.78 6.36
C GLU C 66 34.35 -21.84 7.34
N THR C 67 33.53 -22.17 8.34
CA THR C 67 33.85 -23.20 9.32
C THR C 67 32.64 -23.60 10.15
N LYS C 68 32.77 -24.75 10.81
CA LYS C 68 31.80 -25.26 11.76
C LYS C 68 32.51 -25.20 13.13
N SER C 69 32.02 -24.39 14.07
CA SER C 69 32.60 -24.36 15.42
C SER C 69 31.90 -25.39 16.30
N LYS C 70 32.29 -25.47 17.57
CA LYS C 70 31.58 -26.36 18.49
C LYS C 70 30.06 -26.08 18.48
N TYR C 71 29.66 -24.86 18.13
CA TYR C 71 28.28 -24.36 18.35
C TYR C 71 27.47 -23.92 17.14
N GLN C 72 28.13 -23.26 16.18
CA GLN C 72 27.43 -22.68 15.05
C GLN C 72 28.30 -22.66 13.78
N ASN C 73 27.63 -22.60 12.62
CA ASN C 73 28.31 -22.33 11.37
C ASN C 73 28.73 -20.89 11.33
N VAL C 74 29.97 -20.68 10.89
CA VAL C 74 30.58 -19.36 10.82
C VAL C 74 30.95 -19.08 9.36
N LEU C 75 30.48 -17.96 8.83
CA LEU C 75 30.87 -17.50 7.51
C LEU C 75 31.21 -16.02 7.54
N VAL C 76 32.40 -15.70 7.04
CA VAL C 76 32.83 -14.33 6.82
C VAL C 76 33.01 -14.18 5.33
N PHE C 77 32.42 -13.15 4.75
CA PHE C 77 32.68 -12.90 3.36
C PHE C 77 32.78 -11.40 3.18
N GLU C 78 33.43 -10.97 2.10
CA GLU C 78 33.40 -9.58 1.71
C GLU C 78 32.24 -9.31 0.73
N SER C 79 31.34 -8.38 1.08
CA SER C 79 30.21 -8.06 0.22
C SER C 79 30.67 -6.94 -0.70
N THR C 80 29.91 -6.67 -1.76
CA THR C 80 30.36 -5.63 -2.69
C THR C 80 30.14 -4.20 -2.21
N THR C 81 29.14 -3.96 -1.34
CA THR C 81 28.84 -2.59 -0.88
C THR C 81 28.75 -2.36 0.65
N TYR C 82 28.67 -3.44 1.43
CA TYR C 82 28.64 -3.33 2.89
C TYR C 82 29.95 -3.74 3.62
N GLY C 83 31.05 -3.86 2.88
CA GLY C 83 32.33 -4.30 3.48
C GLY C 83 32.23 -5.75 3.92
N LYS C 84 33.08 -6.15 4.86
CA LYS C 84 33.05 -7.53 5.35
C LYS C 84 31.78 -7.85 6.16
N VAL C 85 31.36 -9.11 6.13
CA VAL C 85 30.14 -9.54 6.76
C VAL C 85 30.38 -10.81 7.57
N LEU C 86 29.81 -10.83 8.76
CA LEU C 86 29.83 -12.00 9.63
C LEU C 86 28.44 -12.60 9.69
N VAL C 87 28.38 -13.86 9.26
CA VAL C 87 27.19 -14.66 9.33
C VAL C 87 27.38 -15.80 10.33
N LEU C 88 26.46 -15.92 11.29
CA LEU C 88 26.38 -17.14 12.12
C LEU C 88 25.05 -17.84 11.96
N ASP C 89 25.13 -19.12 11.61
CA ASP C 89 23.98 -19.98 11.33
C ASP C 89 23.06 -19.41 10.23
N GLY C 90 23.66 -18.83 9.20
CA GLY C 90 22.88 -18.29 8.08
C GLY C 90 22.27 -16.92 8.34
N VAL C 91 22.59 -16.33 9.50
CA VAL C 91 22.09 -15.02 9.92
C VAL C 91 23.22 -14.00 9.95
N ILE C 92 22.96 -12.79 9.42
CA ILE C 92 23.94 -11.72 9.47
C ILE C 92 24.00 -11.17 10.89
N GLN C 93 25.20 -11.14 11.42
CA GLN C 93 25.49 -10.71 12.77
C GLN C 93 25.98 -9.30 12.68
N LEU C 94 26.80 -9.03 11.66
CA LEU C 94 27.36 -7.70 11.42
C LEU C 94 27.93 -7.46 10.03
N THR C 95 27.95 -6.19 9.64
CA THR C 95 28.66 -5.72 8.44
C THR C 95 29.49 -4.51 8.88
N GLU C 96 30.57 -4.24 8.15
CA GLU C 96 31.43 -3.12 8.49
C GLU C 96 30.73 -1.81 8.28
N LYS C 97 29.77 -1.79 7.37
CA LYS C 97 29.14 -0.53 6.98
C LYS C 97 28.24 0.07 8.08
N ASP C 98 27.39 -0.72 8.73
CA ASP C 98 26.41 -0.17 9.67
C ASP C 98 26.51 -0.64 11.13
N GLU C 99 27.51 -1.45 11.45
CA GLU C 99 27.64 -2.02 12.80
C GLU C 99 27.70 -0.96 13.89
N PHE C 100 28.26 0.20 13.59
CA PHE C 100 28.39 1.27 14.56
C PHE C 100 27.03 1.74 15.12
N ALA C 101 25.94 1.58 14.37
CA ALA C 101 24.60 1.99 14.81
C ALA C 101 24.18 1.18 16.04
N TYR C 102 24.36 -0.13 15.93
CA TYR C 102 24.00 -1.07 16.96
C TYR C 102 24.92 -0.97 18.17
N HIS C 103 26.23 -1.11 17.95
CA HIS C 103 27.19 -1.04 19.04
C HIS C 103 27.18 0.30 19.84
N GLU C 104 27.03 1.43 19.16
CA GLU C 104 26.87 2.72 19.82
C GLU C 104 25.61 2.79 20.63
N MET C 105 24.48 2.38 20.08
CA MET C 105 23.20 2.56 20.81
C MET C 105 23.07 1.59 22.00
N MET C 106 23.41 0.33 21.77
CA MET C 106 23.55 -0.67 22.85
C MET C 106 24.47 -0.23 23.98
N THR C 107 25.58 0.46 23.66
CA THR C 107 26.53 0.78 24.70
C THR C 107 26.23 2.11 25.38
N HIS C 108 26.03 3.16 24.58
CA HIS C 108 26.02 4.50 25.12
C HIS C 108 24.68 4.90 25.70
N VAL C 109 23.60 4.19 25.34
CA VAL C 109 22.37 4.33 26.06
C VAL C 109 22.56 4.05 27.58
N PRO C 110 22.91 2.81 27.97
CA PRO C 110 23.01 2.66 29.43
C PRO C 110 24.22 3.35 30.10
N MET C 111 25.32 3.53 29.35
CA MET C 111 26.55 4.11 29.93
C MET C 111 26.44 5.62 30.19
N THR C 112 25.54 6.30 29.50
CA THR C 112 25.33 7.73 29.75
C THR C 112 24.26 7.95 30.82
N VAL C 113 23.52 6.90 31.14
CA VAL C 113 22.57 7.00 32.23
C VAL C 113 23.25 6.59 33.53
N SER C 114 23.97 5.48 33.53
CA SER C 114 24.77 5.09 34.69
C SER C 114 25.72 6.27 35.02
N LYS C 115 25.67 6.80 36.25
CA LYS C 115 26.49 7.97 36.61
C LYS C 115 27.97 7.62 36.64
N GLU C 116 28.34 6.63 37.44
CA GLU C 116 29.75 6.24 37.61
C GLU C 116 29.95 4.73 37.40
N PRO C 117 29.60 4.20 36.21
CA PRO C 117 29.70 2.73 36.05
C PRO C 117 31.16 2.34 36.19
N LYS C 118 31.48 1.25 36.91
CA LYS C 118 32.88 0.84 37.12
C LYS C 118 33.18 -0.57 36.62
N ASN C 119 32.21 -1.47 36.81
CA ASN C 119 32.36 -2.85 36.40
C ASN C 119 31.27 -3.17 35.40
N VAL C 120 31.62 -3.72 34.22
CA VAL C 120 30.66 -3.94 33.16
C VAL C 120 30.77 -5.34 32.59
N LEU C 121 29.61 -5.93 32.31
CA LEU C 121 29.55 -7.24 31.66
C LEU C 121 28.89 -7.10 30.32
N VAL C 122 29.56 -7.63 29.29
CA VAL C 122 28.93 -7.91 28.02
C VAL C 122 28.64 -9.43 27.93
N VAL C 123 27.40 -9.80 27.66
CA VAL C 123 27.01 -11.19 27.38
C VAL C 123 27.00 -11.38 25.86
N GLY C 124 27.55 -12.49 25.37
CA GLY C 124 27.73 -12.64 23.91
C GLY C 124 28.75 -11.63 23.45
N GLY C 125 28.47 -10.92 22.35
CA GLY C 125 29.33 -9.82 21.92
C GLY C 125 30.73 -10.24 21.49
N GLY C 126 30.89 -11.46 21.00
CA GLY C 126 32.19 -11.99 20.56
C GLY C 126 33.03 -11.14 19.62
N ASP C 127 32.38 -10.49 18.67
CA ASP C 127 33.05 -9.59 17.73
C ASP C 127 33.84 -8.47 18.39
N GLY C 128 33.43 -8.02 19.57
CA GLY C 128 34.19 -7.01 20.33
C GLY C 128 33.64 -5.58 20.31
N GLY C 129 32.54 -5.37 19.56
CA GLY C 129 32.10 -4.02 19.25
C GLY C 129 31.58 -3.22 20.43
N ILE C 130 30.91 -3.91 21.36
CA ILE C 130 30.47 -3.28 22.60
C ILE C 130 31.72 -2.95 23.43
N ILE C 131 32.74 -3.82 23.34
CA ILE C 131 33.97 -3.65 24.11
C ILE C 131 34.71 -2.41 23.65
N ARG C 132 34.74 -2.22 22.35
CA ARG C 132 35.36 -1.03 21.76
C ARG C 132 34.64 0.22 22.31
N GLU C 133 33.32 0.19 22.29
CA GLU C 133 32.55 1.35 22.74
C GLU C 133 32.78 1.60 24.21
N LEU C 134 32.79 0.56 25.04
CA LEU C 134 32.98 0.69 26.47
C LEU C 134 34.36 1.22 26.86
N CYS C 135 35.40 0.82 26.12
CA CYS C 135 36.77 1.27 26.36
C CYS C 135 36.96 2.76 26.22
N LYS C 136 36.06 3.40 25.47
CA LYS C 136 36.08 4.85 25.30
C LYS C 136 35.89 5.57 26.61
N TYR C 137 35.32 4.87 27.60
CA TYR C 137 35.06 5.43 28.92
C TYR C 137 36.26 5.16 29.83
N LYS C 138 37.13 6.14 29.99
CA LYS C 138 38.31 5.97 30.83
C LYS C 138 38.02 5.63 32.33
N SER C 139 36.89 6.12 32.88
CA SER C 139 36.43 5.81 34.25
C SER C 139 36.06 4.34 34.53
N VAL C 140 35.70 3.60 33.50
CA VAL C 140 35.38 2.18 33.65
C VAL C 140 36.63 1.47 34.15
N GLU C 141 36.46 0.56 35.12
CA GLU C 141 37.59 -0.15 35.70
C GLU C 141 37.73 -1.58 35.25
N ASN C 142 36.61 -2.23 34.98
CA ASN C 142 36.65 -3.60 34.58
C ASN C 142 35.56 -3.88 33.57
N ILE C 143 35.93 -4.61 32.52
CA ILE C 143 35.00 -5.08 31.52
C ILE C 143 35.16 -6.58 31.40
N ASP C 144 34.10 -7.30 31.74
CA ASP C 144 34.03 -8.73 31.61
C ASP C 144 33.20 -9.03 30.37
N ILE C 145 33.63 -10.03 29.61
CA ILE C 145 32.86 -10.53 28.49
C ILE C 145 32.71 -12.03 28.60
N CYS C 146 31.49 -12.50 28.42
CA CYS C 146 31.21 -13.91 28.44
C CYS C 146 30.63 -14.30 27.09
N GLU C 147 31.47 -14.93 26.28
CA GLU C 147 31.14 -15.35 24.93
C GLU C 147 31.21 -16.87 24.90
N ILE C 148 30.21 -17.53 24.30
CA ILE C 148 30.17 -18.99 24.30
C ILE C 148 31.14 -19.64 23.30
N ASP C 149 31.36 -18.99 22.17
CA ASP C 149 32.09 -19.56 21.02
C ASP C 149 33.39 -18.80 20.82
N GLU C 150 34.53 -19.43 21.10
CA GLU C 150 35.80 -18.70 20.95
C GLU C 150 36.23 -18.51 19.48
N THR C 151 35.78 -19.38 18.59
CA THR C 151 35.90 -19.20 17.12
C THR C 151 35.42 -17.82 16.69
N VAL C 152 34.34 -17.32 17.30
CA VAL C 152 33.83 -16.01 16.98
C VAL C 152 34.81 -14.94 17.37
N ILE C 153 35.43 -15.05 18.55
CA ILE C 153 36.50 -14.09 18.90
C ILE C 153 37.73 -14.19 17.96
N GLU C 154 38.14 -15.42 17.61
CA GLU C 154 39.26 -15.68 16.68
CA GLU C 154 39.28 -15.55 16.72
C GLU C 154 39.01 -14.97 15.33
N VAL C 155 37.85 -15.26 14.76
CA VAL C 155 37.44 -14.69 13.47
C VAL C 155 37.38 -13.15 13.50
N SER C 156 36.86 -12.57 14.58
CA SER C 156 36.76 -11.11 14.72
CA SER C 156 36.77 -11.12 14.70
C SER C 156 38.13 -10.43 14.83
N LYS C 157 39.08 -11.08 15.49
CA LYS C 157 40.44 -10.54 15.62
C LYS C 157 41.21 -10.55 14.27
N ILE C 158 40.84 -11.50 13.41
CA ILE C 158 41.49 -11.69 12.12
C ILE C 158 40.89 -10.75 11.09
N TYR C 159 39.57 -10.82 10.93
CA TYR C 159 38.89 -10.13 9.85
C TYR C 159 38.22 -8.79 10.20
N PHE C 160 38.06 -8.50 11.49
CA PHE C 160 37.31 -7.30 11.86
C PHE C 160 38.05 -6.47 12.87
N LYS C 161 39.30 -6.12 12.54
CA LYS C 161 40.22 -5.45 13.49
C LYS C 161 39.71 -4.12 14.02
N ASN C 162 38.92 -3.42 13.22
CA ASN C 162 38.27 -2.16 13.63
C ASN C 162 37.13 -2.32 14.64
N ILE C 163 36.77 -3.57 14.89
CA ILE C 163 35.66 -3.91 15.75
C ILE C 163 36.22 -4.60 16.98
N SER C 164 37.17 -5.52 16.76
CA SER C 164 37.76 -6.35 17.81
C SER C 164 38.95 -5.70 18.53
N CYS C 165 39.23 -4.42 18.26
CA CYS C 165 40.41 -3.77 18.81
C CYS C 165 40.42 -3.58 20.33
N GLY C 166 39.24 -3.55 20.94
CA GLY C 166 39.14 -3.41 22.39
C GLY C 166 39.70 -4.59 23.18
N TYR C 167 39.72 -5.77 22.60
CA TYR C 167 40.40 -6.91 23.23
C TYR C 167 41.81 -6.59 23.71
N GLU C 168 42.44 -5.60 23.10
CA GLU C 168 43.73 -5.06 23.55
C GLU C 168 43.68 -4.31 24.88
N ASP C 169 42.51 -3.78 25.24
CA ASP C 169 42.41 -3.03 26.49
C ASP C 169 42.71 -3.94 27.68
N LYS C 170 43.56 -3.44 28.58
CA LYS C 170 43.93 -4.18 29.79
C LYS C 170 42.80 -4.38 30.79
N ARG C 171 41.76 -3.55 30.68
CA ARG C 171 40.58 -3.70 31.52
C ARG C 171 39.70 -4.88 31.14
N VAL C 172 40.00 -5.54 30.02
CA VAL C 172 39.08 -6.52 29.39
C VAL C 172 39.37 -7.96 29.79
N ASN C 173 38.37 -8.64 30.37
CA ASN C 173 38.51 -10.02 30.80
C ASN C 173 37.56 -10.95 30.07
N VAL C 174 38.12 -11.92 29.36
CA VAL C 174 37.35 -12.82 28.51
C VAL C 174 37.09 -14.18 29.18
N PHE C 175 35.83 -14.62 29.12
CA PHE C 175 35.38 -15.91 29.67
C PHE C 175 34.68 -16.59 28.54
N ILE C 176 35.11 -17.80 28.23
CA ILE C 176 34.49 -18.59 27.18
C ILE C 176 33.51 -19.49 27.87
N GLU C 177 32.22 -19.17 27.76
CA GLU C 177 31.22 -19.88 28.56
C GLU C 177 29.79 -19.47 28.18
N ASP C 178 28.84 -20.37 28.39
CA ASP C 178 27.44 -20.04 28.23
C ASP C 178 27.19 -19.05 29.39
N ALA C 179 26.74 -17.83 29.08
CA ALA C 179 26.47 -16.81 30.11
C ALA C 179 25.37 -17.23 31.09
N SER C 180 24.60 -18.23 30.71
CA SER C 180 23.58 -18.79 31.58
C SER C 180 24.21 -19.48 32.80
N LYS C 181 25.31 -20.19 32.57
CA LYS C 181 26.10 -20.85 33.61
C LYS C 181 27.05 -19.84 34.29
N PHE C 182 27.61 -18.91 33.52
CA PHE C 182 28.50 -17.88 34.06
C PHE C 182 27.82 -17.06 35.16
N LEU C 183 26.56 -16.71 34.94
CA LEU C 183 25.83 -15.85 35.89
C LEU C 183 25.19 -16.61 37.06
N GLU C 184 25.32 -17.95 37.09
CA GLU C 184 24.76 -18.73 38.21
C GLU C 184 25.28 -18.24 39.56
N ASN C 185 26.59 -18.05 39.67
CA ASN C 185 27.16 -17.66 40.95
C ASN C 185 27.72 -16.24 41.00
N VAL C 186 27.07 -15.32 40.30
CA VAL C 186 27.48 -13.92 40.31
C VAL C 186 26.36 -13.10 40.96
N THR C 187 26.71 -12.29 41.96
CA THR C 187 25.74 -11.46 42.71
C THR C 187 26.28 -10.09 42.93
N ASN C 188 25.41 -9.10 42.84
CA ASN C 188 25.71 -7.74 43.27
C ASN C 188 27.06 -7.18 42.77
N THR C 189 27.29 -7.27 41.46
CA THR C 189 28.63 -7.09 40.88
C THR C 189 28.77 -6.01 39.80
N TYR C 190 27.85 -6.01 38.84
CA TYR C 190 27.95 -5.12 37.70
C TYR C 190 27.08 -3.88 37.81
N ASP C 191 27.62 -2.75 37.34
CA ASP C 191 26.85 -1.54 37.23
C ASP C 191 25.93 -1.60 36.00
N VAL C 192 26.45 -2.22 34.94
CA VAL C 192 25.76 -2.32 33.69
C VAL C 192 26.03 -3.72 33.12
N ILE C 193 24.97 -4.34 32.58
CA ILE C 193 25.08 -5.57 31.81
C ILE C 193 24.51 -5.37 30.38
N ILE C 194 25.32 -5.71 29.36
CA ILE C 194 24.87 -5.58 27.97
C ILE C 194 24.70 -6.93 27.31
N VAL C 195 23.46 -7.26 26.94
CA VAL C 195 23.23 -8.57 26.36
C VAL C 195 23.14 -8.42 24.86
N ASP C 196 24.26 -8.74 24.23
CA ASP C 196 24.42 -8.60 22.81
C ASP C 196 24.44 -10.00 22.20
N SER C 197 23.27 -10.61 22.14
CA SER C 197 23.14 -11.99 21.74
C SER C 197 22.67 -12.09 20.31
N SER C 198 22.82 -13.29 19.75
CA SER C 198 22.24 -13.65 18.48
C SER C 198 20.80 -14.03 18.73
N ASP C 199 20.13 -14.54 17.71
CA ASP C 199 18.71 -14.91 17.80
C ASP C 199 18.41 -16.13 18.70
N PRO C 200 17.13 -16.28 19.14
CA PRO C 200 16.71 -17.33 20.07
C PRO C 200 16.95 -18.74 19.57
N ILE C 201 17.27 -18.92 18.29
CA ILE C 201 17.54 -20.25 17.76
C ILE C 201 19.04 -20.40 17.65
N GLY C 202 19.58 -21.45 18.24
CA GLY C 202 21.04 -21.60 18.36
C GLY C 202 21.43 -21.46 19.84
N PRO C 203 22.72 -21.23 20.12
CA PRO C 203 23.14 -21.23 21.54
C PRO C 203 22.57 -20.07 22.39
N ALA C 204 21.96 -19.07 21.78
CA ALA C 204 21.35 -17.96 22.55
C ALA C 204 19.95 -18.28 23.10
N GLU C 205 19.41 -19.46 22.79
CA GLU C 205 18.10 -19.87 23.35
C GLU C 205 18.05 -19.84 24.88
N THR C 206 19.18 -20.12 25.51
CA THR C 206 19.25 -20.09 26.99
C THR C 206 19.34 -18.67 27.56
N LEU C 207 19.18 -17.65 26.72
CA LEU C 207 19.27 -16.27 27.19
C LEU C 207 17.90 -15.57 27.10
N PHE C 208 17.00 -16.21 26.36
CA PHE C 208 15.68 -15.66 26.06
C PHE C 208 14.60 -16.33 26.93
N ASN C 209 14.70 -16.16 28.24
CA ASN C 209 13.79 -16.81 29.17
C ASN C 209 13.85 -16.15 30.54
N GLN C 210 12.86 -16.46 31.37
CA GLN C 210 12.68 -15.81 32.66
C GLN C 210 13.89 -16.05 33.55
N ASN C 211 14.43 -17.27 33.46
CA ASN C 211 15.54 -17.71 34.29
C ASN C 211 16.78 -16.82 34.13
N PHE C 212 17.17 -16.57 32.88
CA PHE C 212 18.30 -15.71 32.61
C PHE C 212 18.10 -14.30 33.14
N TYR C 213 16.89 -13.79 33.06
CA TYR C 213 16.61 -12.43 33.55
C TYR C 213 16.73 -12.28 35.05
N GLU C 214 16.40 -13.35 35.77
CA GLU C 214 16.59 -13.47 37.22
C GLU C 214 18.05 -13.43 37.62
N LYS C 215 18.88 -14.11 36.84
CA LYS C 215 20.32 -14.06 37.00
C LYS C 215 20.88 -12.68 36.74
N ILE C 216 20.51 -12.06 35.62
CA ILE C 216 20.92 -10.69 35.33
C ILE C 216 20.51 -9.76 36.49
N TYR C 217 19.26 -9.80 36.89
CA TYR C 217 18.79 -8.96 37.96
C TYR C 217 19.66 -9.15 39.18
N ASN C 218 19.95 -10.40 39.53
CA ASN C 218 20.74 -10.72 40.73
C ASN C 218 22.20 -10.26 40.60
N ALA C 219 22.75 -10.35 39.39
CA ALA C 219 24.17 -10.09 39.11
C ALA C 219 24.38 -8.59 39.10
N LEU C 220 23.33 -7.86 38.77
CA LEU C 220 23.39 -6.41 38.82
C LEU C 220 23.49 -5.88 40.24
N LYS C 221 24.03 -4.67 40.35
CA LYS C 221 24.22 -3.93 41.57
C LYS C 221 22.85 -3.35 41.93
N PRO C 222 22.65 -2.85 43.16
CA PRO C 222 21.28 -2.39 43.55
C PRO C 222 20.61 -1.34 42.64
N ASN C 223 21.40 -0.38 42.13
CA ASN C 223 20.94 0.58 41.14
C ASN C 223 21.52 0.29 39.71
N GLY C 224 21.78 -0.97 39.39
CA GLY C 224 22.30 -1.34 38.06
C GLY C 224 21.28 -1.36 36.91
N TYR C 225 21.80 -1.45 35.67
CA TYR C 225 21.02 -1.38 34.42
C TYR C 225 21.38 -2.52 33.47
N CYS C 226 20.39 -3.01 32.74
CA CYS C 226 20.63 -4.05 31.73
C CYS C 226 19.99 -3.60 30.42
N VAL C 227 20.66 -3.87 29.31
CA VAL C 227 20.07 -3.70 27.98
C VAL C 227 20.31 -4.95 27.19
N ALA C 228 19.35 -5.32 26.36
CA ALA C 228 19.51 -6.52 25.56
C ALA C 228 18.93 -6.37 24.16
N GLN C 229 19.61 -6.97 23.19
CA GLN C 229 19.13 -7.10 21.84
C GLN C 229 17.74 -7.72 21.94
N CYS C 230 16.76 -7.06 21.36
CA CYS C 230 15.38 -7.53 21.53
C CYS C 230 14.53 -7.42 20.24
N GLU C 231 15.09 -7.97 19.17
CA GLU C 231 14.35 -8.29 17.95
C GLU C 231 13.78 -7.10 17.19
N SER C 232 12.96 -7.38 16.18
CA SER C 232 12.41 -6.36 15.29
C SER C 232 10.94 -6.11 15.56
N LEU C 233 10.58 -4.87 15.86
CA LEU C 233 9.20 -4.50 16.13
C LEU C 233 8.21 -4.79 14.97
N TRP C 234 8.73 -5.04 13.76
CA TRP C 234 7.87 -5.21 12.62
C TRP C 234 7.42 -6.63 12.44
N ILE C 235 8.08 -7.57 13.09
CA ILE C 235 7.71 -8.95 12.88
C ILE C 235 7.75 -9.79 14.14
N HIS C 236 8.50 -9.34 15.14
CA HIS C 236 8.73 -10.14 16.33
C HIS C 236 8.00 -9.60 17.57
N VAL C 237 6.77 -9.11 17.40
CA VAL C 237 6.04 -8.58 18.55
C VAL C 237 5.76 -9.66 19.63
N GLY C 238 5.55 -10.91 19.23
CA GLY C 238 5.39 -11.99 20.23
C GLY C 238 6.57 -12.09 21.18
N THR C 239 7.78 -12.07 20.60
CA THR C 239 9.01 -12.17 21.35
C THR C 239 9.28 -10.95 22.22
N ILE C 240 9.14 -9.77 21.64
CA ILE C 240 9.19 -8.52 22.39
C ILE C 240 8.31 -8.61 23.65
N LYS C 241 7.06 -9.00 23.49
CA LYS C 241 6.12 -9.08 24.63
C LYS C 241 6.53 -10.08 25.71
N ASN C 242 7.11 -11.19 25.29
CA ASN C 242 7.58 -12.20 26.21
C ASN C 242 8.69 -11.61 27.03
N MET C 243 9.64 -10.98 26.34
CA MET C 243 10.84 -10.51 26.96
C MET C 243 10.54 -9.35 27.88
N ILE C 244 9.74 -8.40 27.43
CA ILE C 244 9.29 -7.33 28.31
C ILE C 244 8.59 -7.92 29.55
N GLY C 245 7.88 -9.04 29.35
CA GLY C 245 7.16 -9.71 30.44
C GLY C 245 8.08 -10.26 31.50
N TYR C 246 9.10 -11.01 31.05
CA TYR C 246 10.15 -11.53 31.93
C TYR C 246 10.84 -10.45 32.73
N ALA C 247 11.11 -9.33 32.10
CA ALA C 247 11.88 -8.30 32.76
C ALA C 247 10.98 -7.49 33.73
N LYS C 248 9.71 -7.32 33.37
CA LYS C 248 8.75 -6.61 34.25
C LYS C 248 8.44 -7.32 35.60
N LYS C 249 8.57 -8.64 35.66
CA LYS C 249 8.46 -9.39 36.92
C LYS C 249 9.55 -9.02 37.92
N LEU C 250 10.65 -8.41 37.44
CA LEU C 250 11.86 -8.19 38.23
C LEU C 250 12.23 -6.73 38.38
N PHE C 251 12.21 -5.98 37.27
CA PHE C 251 12.78 -4.61 37.24
C PHE C 251 11.68 -3.60 37.46
N LYS C 252 11.97 -2.53 38.19
CA LYS C 252 11.04 -1.43 38.39
C LYS C 252 10.68 -0.72 37.09
N LYS C 253 11.68 -0.47 36.23
CA LYS C 253 11.48 0.18 34.94
C LYS C 253 11.95 -0.69 33.77
N VAL C 254 11.07 -0.91 32.80
CA VAL C 254 11.36 -1.66 31.60
C VAL C 254 10.87 -0.82 30.43
N GLU C 255 11.79 -0.46 29.54
CA GLU C 255 11.50 0.38 28.38
C GLU C 255 12.09 -0.32 27.16
N TYR C 256 11.64 0.11 25.98
CA TYR C 256 12.05 -0.45 24.72
C TYR C 256 12.39 0.71 23.78
N ALA C 257 13.50 0.52 23.05
CA ALA C 257 14.07 1.52 22.18
C ALA C 257 14.43 0.82 20.86
N ASN C 258 14.39 1.58 19.76
CA ASN C 258 14.53 1.06 18.42
C ASN C 258 15.70 1.75 17.71
N ILE C 259 16.46 0.98 16.94
CA ILE C 259 17.65 1.45 16.19
C ILE C 259 17.43 1.14 14.71
N SER C 260 17.73 2.09 13.83
CA SER C 260 17.76 1.84 12.40
C SER C 260 19.10 1.24 12.01
N ILE C 261 19.09 0.05 11.39
CA ILE C 261 20.29 -0.70 10.94
C ILE C 261 19.88 -1.47 9.69
N PRO C 262 20.40 -1.14 8.49
CA PRO C 262 19.79 -1.75 7.31
C PRO C 262 19.99 -3.27 7.13
N THR C 263 21.02 -3.83 7.75
CA THR C 263 21.40 -5.22 7.51
C THR C 263 20.81 -6.19 8.52
N TYR C 264 19.93 -5.70 9.39
CA TYR C 264 19.13 -6.63 10.21
C TYR C 264 17.75 -6.77 9.57
N PRO C 265 17.04 -7.89 9.82
CA PRO C 265 15.69 -8.09 9.22
C PRO C 265 14.75 -6.93 9.57
N CYS C 266 14.08 -6.37 8.55
CA CYS C 266 13.20 -5.19 8.67
C CYS C 266 13.91 -3.84 8.84
N GLY C 267 15.25 -3.87 8.73
CA GLY C 267 16.08 -2.68 8.84
C GLY C 267 16.08 -1.98 10.22
N CYS C 268 15.67 -2.70 11.27
CA CYS C 268 15.78 -2.19 12.63
C CYS C 268 15.88 -3.31 13.64
N ILE C 269 16.45 -2.98 14.79
CA ILE C 269 16.57 -3.88 15.91
C ILE C 269 16.15 -3.09 17.16
N GLY C 270 15.54 -3.78 18.12
CA GLY C 270 15.10 -3.15 19.36
C GLY C 270 16.05 -3.46 20.51
N ILE C 271 15.97 -2.64 21.55
CA ILE C 271 16.75 -2.82 22.76
C ILE C 271 15.81 -2.88 23.96
N LEU C 272 15.86 -3.97 24.69
CA LEU C 272 15.10 -4.13 25.91
C LEU C 272 15.91 -3.47 27.02
N CYS C 273 15.32 -2.44 27.64
CA CYS C 273 16.06 -1.60 28.56
C CYS C 273 15.51 -1.71 29.98
N CYS C 274 16.36 -2.17 30.91
CA CYS C 274 15.95 -2.53 32.27
C CYS C 274 16.62 -1.72 33.36
N SER C 275 15.83 -1.02 34.17
CA SER C 275 16.33 -0.32 35.37
C SER C 275 15.77 -0.86 36.68
N LYS C 276 16.62 -0.81 37.71
CA LYS C 276 16.23 -1.21 39.05
C LYS C 276 15.60 -0.03 39.79
N THR C 277 15.92 1.18 39.34
CA THR C 277 15.40 2.44 39.91
C THR C 277 14.11 2.89 39.23
N ASP C 278 13.46 3.90 39.83
CA ASP C 278 12.18 4.41 39.35
C ASP C 278 12.34 5.16 38.02
N THR C 279 13.52 5.76 37.85
CA THR C 279 13.89 6.41 36.60
C THR C 279 14.52 5.35 35.68
N GLY C 280 14.17 5.39 34.40
CA GLY C 280 14.67 4.38 33.48
C GLY C 280 15.92 4.84 32.74
N LEU C 281 15.93 4.54 31.44
CA LEU C 281 17.13 4.76 30.62
C LEU C 281 16.94 5.79 29.51
N THR C 282 15.85 6.54 29.53
CA THR C 282 15.49 7.43 28.43
C THR C 282 16.13 8.80 28.52
N LYS C 283 16.73 9.14 29.64
CA LYS C 283 17.33 10.45 29.81
C LYS C 283 18.78 10.25 30.22
N PRO C 284 19.72 10.78 29.41
CA PRO C 284 21.13 10.68 29.73
C PRO C 284 21.55 11.62 30.85
N ASN C 285 22.47 11.13 31.69
CA ASN C 285 23.05 11.93 32.76
C ASN C 285 24.34 12.58 32.38
N LYS C 286 24.84 12.25 31.18
CA LYS C 286 26.06 12.86 30.65
C LYS C 286 26.00 12.99 29.14
N LYS C 287 26.84 13.86 28.61
CA LYS C 287 26.98 14.04 27.16
C LYS C 287 28.36 13.56 26.78
N LEU C 288 28.46 12.99 25.59
CA LEU C 288 29.70 12.35 25.12
C LEU C 288 30.45 13.29 24.15
N GLU C 289 31.33 14.11 24.70
CA GLU C 289 31.88 15.25 23.96
C GLU C 289 33.40 15.33 23.95
N SER C 290 34.03 14.59 24.83
CA SER C 290 35.47 14.58 24.94
C SER C 290 36.03 13.90 23.71
N LYS C 291 37.34 13.98 23.51
CA LYS C 291 38.02 13.44 22.32
C LYS C 291 37.81 11.95 22.17
N GLU C 292 37.52 11.25 23.26
CA GLU C 292 37.30 9.79 23.18
C GLU C 292 36.09 9.46 22.30
N PHE C 293 35.11 10.37 22.24
CA PHE C 293 33.85 10.12 21.57
C PHE C 293 33.70 10.87 20.24
N ALA C 294 34.81 11.46 19.78
CA ALA C 294 34.89 12.19 18.49
C ALA C 294 34.54 11.36 17.25
N ASP C 295 34.61 10.04 17.36
CA ASP C 295 34.32 9.20 16.21
C ASP C 295 32.89 8.63 16.19
N LEU C 296 32.00 9.14 17.06
CA LEU C 296 30.62 8.63 17.11
C LEU C 296 29.87 8.98 15.82
N LYS C 297 29.18 7.98 15.25
CA LYS C 297 28.52 8.09 13.94
C LYS C 297 27.00 7.94 13.95
N TYR C 298 26.44 7.39 15.03
CA TYR C 298 24.99 7.24 15.21
C TYR C 298 24.54 7.95 16.49
N TYR C 299 25.02 7.49 17.66
CA TYR C 299 24.66 8.03 18.97
C TYR C 299 24.93 9.55 19.14
N ASN C 300 23.91 10.27 19.60
CA ASN C 300 24.08 11.60 20.23
C ASN C 300 23.07 11.84 21.37
N TYR C 301 23.25 12.93 22.13
CA TYR C 301 22.34 13.28 23.25
C TYR C 301 20.83 13.19 22.89
N GLU C 302 20.47 13.75 21.75
CA GLU C 302 19.05 13.85 21.36
C GLU C 302 18.51 12.59 20.77
N ASN C 303 19.34 11.84 20.03
CA ASN C 303 19.01 10.46 19.58
C ASN C 303 18.64 9.57 20.72
N HIS C 304 19.36 9.72 21.82
CA HIS C 304 19.23 8.84 22.95
C HIS C 304 17.75 8.68 23.31
N SER C 305 17.05 9.77 23.64
CA SER C 305 15.64 9.76 23.98
C SER C 305 14.75 9.47 22.79
N ALA C 306 15.12 9.99 21.61
CA ALA C 306 14.31 9.81 20.41
C ALA C 306 14.09 8.34 20.14
N ALA C 307 15.11 7.52 20.38
CA ALA C 307 15.06 6.07 20.18
C ALA C 307 13.91 5.40 20.91
N PHE C 308 13.52 5.97 22.05
CA PHE C 308 12.46 5.38 22.86
C PHE C 308 11.04 5.82 22.45
N LYS C 309 10.94 6.61 21.39
CA LYS C 309 9.63 7.10 20.91
C LYS C 309 9.10 6.17 19.84
N LEU C 310 8.19 5.29 20.22
CA LEU C 310 7.90 4.09 19.43
C LEU C 310 6.64 4.25 18.58
N PRO C 311 6.53 3.50 17.46
CA PRO C 311 5.27 3.57 16.68
C PRO C 311 4.03 3.28 17.55
N ALA C 312 2.96 4.03 17.32
CA ALA C 312 1.69 3.84 18.03
C ALA C 312 1.29 2.36 18.15
N PHE C 313 1.40 1.59 17.06
CA PHE C 313 0.97 0.19 17.09
C PHE C 313 1.71 -0.64 18.12
N LEU C 314 2.98 -0.31 18.35
CA LEU C 314 3.82 -1.08 19.26
C LEU C 314 3.48 -0.72 20.71
N LEU C 315 3.20 0.55 20.96
CA LEU C 315 2.73 1.00 22.27
C LEU C 315 1.43 0.28 22.67
N LYS C 316 0.53 0.07 21.73
CA LYS C 316 -0.66 -0.72 21.99
C LYS C 316 -0.38 -2.21 22.25
N GLU C 317 0.55 -2.81 21.51
CA GLU C 317 0.91 -4.21 21.73
C GLU C 317 1.53 -4.43 23.10
N ILE C 318 2.38 -3.48 23.50
CA ILE C 318 3.10 -3.49 24.79
C ILE C 318 2.16 -3.38 26.00
N GLU C 319 1.07 -2.62 25.84
CA GLU C 319 0.05 -2.51 26.87
C GLU C 319 -0.66 -3.84 27.16
N ASN C 320 -0.56 -4.79 26.24
CA ASN C 320 -1.19 -6.11 26.38
C ASN C 320 -0.28 -7.21 26.95
N ILE C 321 0.76 -6.81 27.67
CA ILE C 321 1.75 -7.76 28.20
C ILE C 321 1.34 -8.32 29.57
#